data_7PTX
#
_entry.id   7PTX
#
_cell.length_a   1.00
_cell.length_b   1.00
_cell.length_c   1.00
_cell.angle_alpha   90.00
_cell.angle_beta   90.00
_cell.angle_gamma   90.00
#
_symmetry.space_group_name_H-M   'P 1'
#
_entity_poly.entity_id   1
_entity_poly.type   'polypeptide(L)'
_entity_poly.pdbx_seq_one_letter_code
;MWSHPQFEKGSAGSAAGSGAGWSHPQFEKGAGLEVLFQGPNSEMKGKRVISKREMSKADQCTFLSYQSVAYGTLGDVAGD
VSSIEGADLVATPIAAGGHLAKGATDAAMIAMDCSSIPFDEIKQQLNQRFNEVDKKLQKGAEALENVTELAEKTYSSVEK
MRVEMREGFNHVIATIENANTKQIITGINQIIQYFNDERENINNRQKEDYVAKLQEPASGNFLLYLRKSRTSEDGSLHSL
LFKIINQELAIPNNAADNNAIRALFALFYGTQTFISIMFYLVKQYSYLADYHYQNGNLAEFNSNFDHMKTVFQDFKFTLI
GINTSNSKPLVNTVLSIIEDVKNKRFIRNLRSNLYQKIIKSTKSLLDLREKITKMDLPIIEDTPKSSVLINFREKSSSVP
RIETPILKWTPGTVVKYAIQYEQDGKYSKISKWSNPITVQRLANPYITIDKDRRNRLVFRQFGNEKPELISILDSSQNEF
RDIHRDLYNAAQMPYKETALGICRKLIDSGAQVGASFEMGRKSIHASATAGNDDVARLLLAKNNGLLNVPDKNGYTPLHI
ASERKNNDFVKFLLEKGADVNVRTFANELTPLHLAARQDFTIIVKTLMEKRGIDVNAKERAGFTPLHLSITSNSRAARTL
INETPAGINIKSNSGLTPLHLAVLQNNLSAAKVLVKSNKKVKLNEMDNNGMTPLHYASMLGNLEFVKYFTSEQGIDVNAK
TKVKNWTPLHLAILFKKFDVAQSLLQVRNIDISTRADQAITPLHLAAATGNSQIVKTILNSGAVVDQETANGFTALHLAI
MNPNTETPQFLIAKGANINAKTNDGSTPLHFAAALGKTNIFQLLMDKGANIKAENLINQMPIHEAVVNGHLAIVKMLIEQ
DSSLMNAKNMRDEYPFYLAAEKRYKDVFNYLESKGADVNEKNNDGNTLLHLFSINGEVEVVQFLIQNGADFRLRNKERKS
FFDLAVEFGHAGIVGYAIEENKVDLQEPYRGKTILYHAICDSVKYDRIEVVRYFVETLNEDQCSPLQEAAAYAHLDLVKY
FVQERGINPTAFNNDNQVSPLCIAIVGAPCGFVKSCDTPERLDVVEYLVDKTPDINKECDTQQSTPVSSAVYGNKVSILN
YLIRNGADPNKKVRGDPPLFIAAMIGQYDIVKSLVEQHKIDVNTRNKEQFTPLHAAASNDHIDVVKYLIQKGADVNAKGD
ENLKPIDLAGEKSKAYLRSLGRRFFRNESPSKSFEISSGLVPRGSHHHHHHHH
;
_entity_poly.pdbx_strand_id   A
#
# COMPACT_ATOMS: atom_id res chain seq x y z
N THR A 73 -8.66 -3.55 -2.24
CA THR A 73 -10.05 -3.97 -2.27
C THR A 73 -10.51 -4.42 -0.89
N LEU A 74 -10.29 -3.56 0.12
CA LEU A 74 -10.72 -3.87 1.47
C LEU A 74 -12.23 -3.88 1.60
N GLY A 75 -12.96 -3.29 0.65
CA GLY A 75 -14.41 -3.39 0.68
C GLY A 75 -14.89 -4.83 0.53
N ASP A 76 -14.25 -5.60 -0.36
CA ASP A 76 -14.55 -7.01 -0.45
C ASP A 76 -14.25 -7.73 0.86
N VAL A 77 -13.17 -7.32 1.53
CA VAL A 77 -12.84 -7.89 2.83
C VAL A 77 -13.95 -7.62 3.83
N ALA A 78 -14.46 -6.38 3.86
CA ALA A 78 -15.55 -6.06 4.77
C ALA A 78 -16.80 -6.86 4.44
N GLY A 79 -17.12 -6.98 3.15
CA GLY A 79 -18.29 -7.75 2.75
C GLY A 79 -18.19 -9.21 3.16
N ASP A 80 -16.99 -9.79 3.08
CA ASP A 80 -16.79 -11.18 3.42
C ASP A 80 -16.51 -11.42 4.89
N VAL A 81 -16.26 -10.36 5.66
CA VAL A 81 -16.18 -10.48 7.12
C VAL A 81 -17.49 -10.09 7.78
N SER A 82 -18.46 -9.60 7.01
CA SER A 82 -19.82 -9.45 7.53
C SER A 82 -20.28 -10.74 8.18
N SER A 83 -19.95 -11.87 7.57
CA SER A 83 -20.03 -13.17 8.23
C SER A 83 -18.75 -13.35 9.04
N ILE A 84 -18.85 -13.21 10.36
CA ILE A 84 -17.69 -13.22 11.27
C ILE A 84 -17.06 -14.61 11.25
N GLU A 85 -17.66 -15.51 10.48
CA GLU A 85 -17.32 -16.93 10.45
C GLU A 85 -15.83 -17.25 10.39
N GLY A 86 -15.17 -16.86 9.30
CA GLY A 86 -13.80 -17.32 9.05
C GLY A 86 -12.81 -16.26 8.61
N ALA A 87 -12.85 -15.09 9.24
CA ALA A 87 -12.31 -13.84 8.69
C ALA A 87 -11.04 -14.01 7.85
N ASP A 88 -9.99 -14.61 8.41
CA ASP A 88 -8.77 -14.80 7.63
C ASP A 88 -8.96 -15.92 6.60
N LEU A 89 -9.63 -16.99 6.99
CA LEU A 89 -9.84 -18.10 6.07
C LEU A 89 -10.84 -17.73 4.97
N VAL A 90 -11.75 -16.81 5.25
CA VAL A 90 -12.67 -16.33 4.22
C VAL A 90 -12.08 -15.09 3.58
N ALA A 91 -10.89 -14.71 4.02
CA ALA A 91 -10.09 -13.71 3.30
C ALA A 91 -9.17 -14.34 2.29
N THR A 92 -8.76 -15.58 2.51
CA THR A 92 -7.99 -16.31 1.49
C THR A 92 -8.70 -16.40 0.14
N PRO A 93 -10.02 -16.60 0.04
CA PRO A 93 -10.63 -16.67 -1.30
C PRO A 93 -10.52 -15.40 -2.10
N ILE A 94 -10.31 -14.24 -1.49
CA ILE A 94 -10.06 -13.07 -2.33
C ILE A 94 -8.66 -13.18 -2.95
N ALA A 95 -7.72 -13.79 -2.24
CA ALA A 95 -6.45 -14.13 -2.87
C ALA A 95 -6.65 -15.13 -3.99
N ALA A 96 -7.54 -16.09 -3.79
CA ALA A 96 -7.86 -17.03 -4.86
C ALA A 96 -8.46 -16.31 -6.07
N GLY A 97 -9.33 -15.32 -5.82
CA GLY A 97 -9.89 -14.54 -6.92
C GLY A 97 -8.85 -13.70 -7.63
N GLY A 98 -7.91 -13.13 -6.87
CA GLY A 98 -6.78 -12.45 -7.49
C GLY A 98 -5.98 -13.38 -8.37
N HIS A 99 -5.79 -14.61 -7.91
CA HIS A 99 -5.27 -15.67 -8.79
C HIS A 99 -6.16 -15.85 -10.01
N LEU A 100 -7.47 -15.68 -9.83
CA LEU A 100 -8.44 -15.88 -10.90
C LEU A 100 -8.70 -14.63 -11.72
N ALA A 101 -8.54 -13.44 -11.15
CA ALA A 101 -8.84 -12.20 -11.85
C ALA A 101 -7.64 -11.56 -12.53
N LYS A 102 -6.43 -11.85 -12.06
CA LYS A 102 -5.23 -11.25 -12.62
C LYS A 102 -4.62 -12.18 -13.67
N GLY A 103 -4.17 -11.58 -14.78
CA GLY A 103 -3.55 -12.33 -15.85
C GLY A 103 -2.15 -12.79 -15.50
N ALA A 104 -2.06 -13.73 -14.56
CA ALA A 104 -0.76 -14.10 -14.02
C ALA A 104 0.04 -14.99 -14.97
N THR A 105 -0.64 -15.88 -15.69
CA THR A 105 0.03 -17.01 -16.32
C THR A 105 1.01 -16.55 -17.40
N ASP A 106 2.30 -16.63 -17.09
CA ASP A 106 3.39 -16.52 -18.03
C ASP A 106 4.65 -17.07 -17.36
N ALA A 107 5.63 -17.44 -18.17
CA ALA A 107 6.77 -18.24 -17.69
C ALA A 107 7.44 -17.64 -16.47
N ALA A 108 7.59 -16.32 -16.42
CA ALA A 108 8.19 -15.69 -15.24
C ALA A 108 7.33 -15.95 -14.00
N MET A 109 6.01 -15.80 -14.14
CA MET A 109 5.11 -16.10 -13.03
C MET A 109 5.15 -17.58 -12.68
N ILE A 110 5.18 -18.45 -13.69
CA ILE A 110 5.23 -19.88 -13.45
C ILE A 110 6.49 -20.28 -12.72
N ALA A 111 7.59 -19.53 -12.90
CA ALA A 111 8.81 -19.82 -12.15
C ALA A 111 8.62 -19.66 -10.65
N MET A 112 7.58 -18.93 -10.23
CA MET A 112 7.20 -18.76 -8.83
C MET A 112 8.25 -17.98 -8.04
N ASP A 113 9.32 -17.58 -8.70
CA ASP A 113 10.20 -16.57 -8.11
C ASP A 113 9.50 -15.23 -8.00
N CYS A 114 8.37 -15.05 -8.70
CA CYS A 114 7.52 -13.88 -8.55
C CYS A 114 6.32 -14.17 -7.64
N SER A 115 5.50 -15.16 -8.00
CA SER A 115 4.18 -15.38 -7.40
C SER A 115 4.16 -15.17 -5.88
N SER A 116 5.20 -15.65 -5.21
CA SER A 116 5.29 -15.47 -3.77
C SER A 116 5.23 -14.00 -3.39
N ILE A 117 5.78 -13.11 -4.22
CA ILE A 117 5.78 -11.69 -3.89
C ILE A 117 4.38 -11.11 -3.95
N PRO A 118 3.63 -11.23 -5.06
CA PRO A 118 2.25 -10.71 -5.03
C PRO A 118 1.38 -11.39 -4.00
N PHE A 119 1.52 -12.69 -3.78
CA PHE A 119 0.66 -13.35 -2.81
C PHE A 119 0.99 -12.93 -1.38
N ASP A 120 2.28 -12.79 -1.06
CA ASP A 120 2.67 -12.30 0.26
C ASP A 120 2.22 -10.86 0.43
N GLU A 121 2.27 -10.06 -0.62
CA GLU A 121 1.81 -8.68 -0.51
C GLU A 121 0.31 -8.61 -0.29
N ILE A 122 -0.46 -9.47 -0.97
CA ILE A 122 -1.90 -9.52 -0.73
C ILE A 122 -2.18 -9.96 0.70
N LYS A 123 -1.45 -10.96 1.17
CA LYS A 123 -1.62 -11.40 2.56
C LYS A 123 -1.28 -10.28 3.54
N GLN A 124 -0.24 -9.51 3.24
CA GLN A 124 0.15 -8.40 4.11
C GLN A 124 -0.89 -7.30 4.11
N GLN A 125 -1.47 -7.00 2.94
CA GLN A 125 -2.57 -6.04 2.87
C GLN A 125 -3.75 -6.53 3.69
N LEU A 126 -4.05 -7.82 3.62
CA LEU A 126 -5.13 -8.39 4.41
C LEU A 126 -4.83 -8.29 5.90
N ASN A 127 -3.56 -8.52 6.28
CA ASN A 127 -3.17 -8.37 7.68
C ASN A 127 -3.35 -6.94 8.13
N GLN A 128 -2.99 -5.97 7.30
CA GLN A 128 -3.23 -4.56 7.62
C GLN A 128 -4.71 -4.30 7.78
N ARG A 129 -5.52 -4.82 6.87
CA ARG A 129 -6.96 -4.61 6.94
C ARG A 129 -7.52 -5.16 8.25
N PHE A 130 -7.07 -6.36 8.65
CA PHE A 130 -7.61 -6.97 9.86
C PHE A 130 -7.14 -6.24 11.11
N ASN A 131 -5.84 -5.95 11.19
CA ASN A 131 -5.32 -5.28 12.37
C ASN A 131 -5.59 -3.78 12.37
N GLU A 132 -6.36 -3.29 11.40
CA GLU A 132 -7.02 -1.99 11.56
C GLU A 132 -8.51 -2.11 11.83
N VAL A 133 -9.17 -3.12 11.29
CA VAL A 133 -10.59 -3.32 11.57
C VAL A 133 -10.81 -3.65 13.04
N ASP A 134 -9.99 -4.55 13.58
CA ASP A 134 -10.16 -4.94 14.98
C ASP A 134 -9.96 -3.78 15.94
N LYS A 135 -9.22 -2.74 15.52
CA LYS A 135 -9.05 -1.57 16.37
C LYS A 135 -10.27 -0.66 16.39
N LYS A 136 -11.12 -0.76 15.37
CA LYS A 136 -12.22 0.17 15.21
C LYS A 136 -13.24 0.00 16.33
N LEU A 137 -13.75 1.13 16.81
CA LEU A 137 -14.84 1.15 17.78
C LEU A 137 -16.17 1.02 17.04
N GLN A 138 -17.10 0.28 17.64
CA GLN A 138 -18.26 -0.20 16.89
C GLN A 138 -19.13 0.93 16.36
N LYS A 139 -19.82 1.65 17.23
CA LYS A 139 -20.74 2.72 16.87
C LYS A 139 -21.00 3.57 18.09
N GLY A 140 -21.31 4.85 17.86
CA GLY A 140 -21.87 5.71 18.87
C GLY A 140 -21.06 5.86 20.14
N ALA A 141 -19.74 6.10 20.00
CA ALA A 141 -18.93 6.40 21.17
C ALA A 141 -18.87 7.90 21.43
N GLU A 142 -18.29 8.65 20.49
CA GLU A 142 -18.36 10.11 20.50
C GLU A 142 -18.51 10.56 19.06
N ALA A 143 -19.43 11.48 18.82
CA ALA A 143 -19.94 11.80 17.49
C ALA A 143 -18.87 12.25 16.50
N LEU A 144 -17.62 12.40 16.95
CA LEU A 144 -16.57 12.82 16.04
C LEU A 144 -16.17 11.74 15.06
N GLU A 145 -16.93 10.64 14.98
CA GLU A 145 -16.74 9.68 13.89
C GLU A 145 -16.91 10.34 12.53
N ASN A 146 -17.67 11.43 12.46
CA ASN A 146 -17.74 12.19 11.22
C ASN A 146 -16.39 12.80 10.87
N VAL A 147 -15.71 13.34 11.88
CA VAL A 147 -14.34 13.85 11.68
C VAL A 147 -13.44 12.71 11.23
N THR A 148 -13.60 11.55 11.87
CA THR A 148 -12.77 10.40 11.52
C THR A 148 -12.96 9.98 10.07
N GLU A 149 -14.23 9.95 9.61
CA GLU A 149 -14.48 9.50 8.25
C GLU A 149 -14.02 10.54 7.24
N LEU A 150 -14.15 11.83 7.57
CA LEU A 150 -13.54 12.87 6.77
C LEU A 150 -12.05 12.63 6.63
N ALA A 151 -11.41 12.27 7.74
CA ALA A 151 -10.01 11.90 7.73
C ALA A 151 -9.78 10.77 6.73
N GLU A 152 -10.38 9.60 6.97
CA GLU A 152 -10.10 8.46 6.09
C GLU A 152 -10.30 8.82 4.62
N LYS A 153 -11.35 9.59 4.30
CA LYS A 153 -11.55 9.99 2.91
C LYS A 153 -10.36 10.79 2.38
N THR A 154 -10.07 11.94 2.99
CA THR A 154 -9.04 12.82 2.45
C THR A 154 -7.66 12.18 2.52
N TYR A 155 -7.33 11.60 3.68
CA TYR A 155 -6.13 10.80 3.83
C TYR A 155 -5.98 9.81 2.69
N SER A 156 -6.90 8.85 2.59
CA SER A 156 -6.76 7.78 1.60
C SER A 156 -6.62 8.35 0.19
N SER A 157 -7.28 9.48 -0.10
CA SER A 157 -7.05 10.14 -1.39
C SER A 157 -5.60 10.54 -1.54
N VAL A 158 -5.01 11.02 -0.44
CA VAL A 158 -3.59 11.39 -0.48
C VAL A 158 -2.73 10.18 -0.84
N GLU A 159 -3.11 8.99 -0.35
CA GLU A 159 -2.35 7.80 -0.74
C GLU A 159 -2.66 7.31 -2.15
N LYS A 160 -3.87 7.52 -2.66
CA LYS A 160 -4.03 7.25 -4.10
C LYS A 160 -3.07 8.12 -4.91
N MET A 161 -2.83 9.35 -4.46
CA MET A 161 -1.80 10.15 -5.12
C MET A 161 -0.41 9.59 -4.84
N ARG A 162 -0.14 9.24 -3.59
CA ARG A 162 1.21 8.96 -3.12
C ARG A 162 1.75 7.65 -3.66
N VAL A 163 0.88 6.65 -3.84
CA VAL A 163 1.34 5.37 -4.36
C VAL A 163 1.88 5.54 -5.76
N GLU A 164 1.16 6.29 -6.61
CA GLU A 164 1.67 6.57 -7.95
C GLU A 164 2.92 7.45 -7.89
N MET A 165 2.95 8.41 -6.97
CA MET A 165 4.14 9.25 -6.85
C MET A 165 5.37 8.45 -6.39
N ARG A 166 5.15 7.33 -5.71
CA ARG A 166 6.27 6.56 -5.14
C ARG A 166 7.16 5.99 -6.24
N GLU A 167 6.57 5.41 -7.28
CA GLU A 167 7.36 4.81 -8.34
C GLU A 167 8.20 5.86 -9.07
N GLY A 168 7.64 7.05 -9.24
CA GLY A 168 8.43 8.15 -9.80
C GLY A 168 9.53 8.60 -8.87
N PHE A 169 9.26 8.69 -7.57
CA PHE A 169 10.29 9.12 -6.62
C PHE A 169 11.40 8.08 -6.50
N ASN A 170 11.12 6.83 -6.86
CA ASN A 170 12.21 5.85 -6.91
C ASN A 170 13.23 6.24 -7.99
N HIS A 171 12.78 6.95 -9.02
CA HIS A 171 13.66 7.29 -10.14
C HIS A 171 14.64 8.40 -9.80
N VAL A 172 14.31 9.26 -8.82
CA VAL A 172 15.16 10.41 -8.54
C VAL A 172 16.53 9.97 -8.04
N ILE A 173 16.61 8.78 -7.43
CA ILE A 173 17.87 8.27 -6.93
C ILE A 173 18.88 8.05 -8.05
N ALA A 174 18.41 7.89 -9.29
CA ALA A 174 19.32 7.70 -10.41
C ALA A 174 20.21 8.93 -10.61
N THR A 175 19.64 10.12 -10.49
CA THR A 175 20.36 11.37 -10.75
C THR A 175 20.83 12.05 -9.47
N ILE A 176 21.22 11.28 -8.45
CA ILE A 176 21.76 11.86 -7.23
C ILE A 176 23.09 12.54 -7.50
N GLU A 177 23.48 13.46 -6.61
CA GLU A 177 24.73 14.21 -6.71
C GLU A 177 24.82 15.00 -8.01
N ASN A 178 23.86 15.91 -8.22
CA ASN A 178 23.98 16.95 -9.22
C ASN A 178 24.02 18.34 -8.62
N ALA A 179 23.53 18.52 -7.39
CA ALA A 179 23.71 19.75 -6.64
C ALA A 179 24.72 19.48 -5.52
N ASN A 180 25.49 20.51 -5.17
CA ASN A 180 26.49 20.36 -4.12
C ASN A 180 25.85 20.00 -2.78
N THR A 181 24.59 20.37 -2.57
CA THR A 181 23.92 20.21 -1.29
C THR A 181 22.75 19.23 -1.37
N LYS A 182 22.94 18.09 -2.02
CA LYS A 182 21.87 17.12 -2.17
C LYS A 182 21.68 16.30 -0.89
N GLN A 183 22.52 16.57 0.12
CA GLN A 183 22.38 15.86 1.38
C GLN A 183 21.04 16.17 2.06
N ILE A 184 20.51 17.37 1.87
CA ILE A 184 19.18 17.65 2.40
C ILE A 184 18.12 16.85 1.66
N ILE A 185 18.31 16.65 0.35
CA ILE A 185 17.36 15.85 -0.42
C ILE A 185 17.38 14.41 0.05
N THR A 186 18.56 13.83 0.25
CA THR A 186 18.60 12.47 0.78
C THR A 186 18.11 12.42 2.23
N GLY A 187 18.25 13.51 2.98
CA GLY A 187 17.70 13.54 4.32
C GLY A 187 16.19 13.51 4.34
N ILE A 188 15.56 14.29 3.47
CA ILE A 188 14.09 14.26 3.42
C ILE A 188 13.62 12.92 2.88
N ASN A 189 14.36 12.33 1.93
CA ASN A 189 14.00 11.01 1.44
C ASN A 189 14.05 9.98 2.56
N GLN A 190 15.12 10.00 3.35
CA GLN A 190 15.22 9.03 4.44
C GLN A 190 14.19 9.31 5.52
N ILE A 191 13.82 10.58 5.73
CA ILE A 191 12.78 10.89 6.73
C ILE A 191 11.43 10.34 6.29
N ILE A 192 11.06 10.56 5.02
CA ILE A 192 9.76 10.11 4.56
C ILE A 192 9.72 8.58 4.51
N GLN A 193 10.81 7.94 4.09
CA GLN A 193 10.85 6.49 4.14
C GLN A 193 10.84 5.98 5.58
N TYR A 194 11.45 6.72 6.50
CA TYR A 194 11.47 6.34 7.90
C TYR A 194 10.07 6.31 8.48
N PHE A 195 9.28 7.34 8.21
CA PHE A 195 7.91 7.29 8.70
C PHE A 195 7.01 6.37 7.91
N ASN A 196 7.28 6.16 6.62
CA ASN A 196 6.54 5.14 5.88
C ASN A 196 6.78 3.76 6.47
N ASP A 197 8.00 3.49 6.93
CA ASP A 197 8.30 2.24 7.61
C ASP A 197 7.60 2.18 8.97
N GLU A 198 7.65 3.27 9.72
CA GLU A 198 7.03 3.28 11.05
C GLU A 198 5.52 3.08 10.97
N ARG A 199 4.89 3.58 9.91
CA ARG A 199 3.44 3.40 9.76
C ARG A 199 3.08 1.92 9.83
N GLU A 200 3.79 1.09 9.04
CA GLU A 200 3.54 -0.34 9.08
C GLU A 200 4.10 -0.99 10.33
N ASN A 201 5.18 -0.43 10.90
CA ASN A 201 5.76 -1.01 12.10
C ASN A 201 4.78 -0.95 13.26
N ILE A 202 4.23 0.23 13.55
CA ILE A 202 3.23 0.36 14.60
C ILE A 202 1.89 -0.23 14.15
N ASN A 203 1.60 -0.19 12.85
CA ASN A 203 0.29 -0.62 12.35
C ASN A 203 0.04 -2.12 12.52
N ASN A 204 0.98 -2.86 13.10
CA ASN A 204 0.81 -4.31 13.29
C ASN A 204 0.99 -4.70 14.76
N ARG A 205 0.37 -3.96 15.67
CA ARG A 205 0.45 -4.26 17.08
C ARG A 205 -0.94 -4.60 17.62
N GLN A 206 -1.00 -4.93 18.90
CA GLN A 206 -2.24 -5.25 19.57
C GLN A 206 -2.84 -3.99 20.20
N LYS A 207 -4.14 -4.06 20.47
CA LYS A 207 -4.90 -2.91 20.97
C LYS A 207 -4.20 -2.22 22.13
N GLU A 208 -3.94 -2.96 23.21
CA GLU A 208 -3.25 -2.38 24.36
C GLU A 208 -1.84 -1.95 23.98
N ASP A 209 -1.14 -2.76 23.18
CA ASP A 209 0.17 -2.34 22.70
C ASP A 209 0.07 -1.11 21.79
N TYR A 210 -0.97 -1.04 20.96
CA TYR A 210 -1.17 0.13 20.10
C TYR A 210 -1.30 1.39 20.94
N VAL A 211 -2.20 1.38 21.93
CA VAL A 211 -2.41 2.58 22.74
C VAL A 211 -1.19 2.88 23.59
N ALA A 212 -0.50 1.85 24.09
CA ALA A 212 0.69 2.10 24.90
C ALA A 212 1.80 2.73 24.08
N LYS A 213 2.03 2.23 22.87
CA LYS A 213 3.09 2.77 22.03
C LYS A 213 2.73 4.10 21.39
N LEU A 214 1.45 4.44 21.31
CA LEU A 214 1.07 5.81 21.00
C LEU A 214 1.07 6.70 22.24
N GLN A 215 1.12 6.10 23.43
CA GLN A 215 1.30 6.83 24.68
C GLN A 215 2.75 6.74 25.16
N GLU A 216 3.64 6.22 24.33
CA GLU A 216 5.01 5.94 24.74
C GLU A 216 5.75 7.23 25.07
N PRO A 217 6.35 7.35 26.25
CA PRO A 217 7.02 8.60 26.62
C PRO A 217 8.39 8.72 25.97
N ALA A 218 8.95 9.93 26.06
CA ALA A 218 10.26 10.29 25.52
C ALA A 218 10.24 10.35 24.01
N SER A 219 9.12 9.93 23.40
CA SER A 219 8.87 10.15 21.98
C SER A 219 7.62 10.99 21.78
N GLY A 220 6.49 10.57 22.35
CA GLY A 220 5.24 11.33 22.31
C GLY A 220 4.88 11.83 20.94
N ASN A 221 4.89 13.16 20.77
CA ASN A 221 4.68 13.78 19.47
C ASN A 221 6.01 13.85 18.71
N PHE A 222 6.58 12.66 18.49
CA PHE A 222 7.85 12.57 17.78
C PHE A 222 7.74 13.13 16.37
N LEU A 223 6.65 12.80 15.68
CA LEU A 223 6.43 13.34 14.35
C LEU A 223 6.21 14.85 14.39
N LEU A 224 5.43 15.32 15.36
CA LEU A 224 5.20 16.76 15.50
C LEU A 224 6.49 17.50 15.79
N TYR A 225 7.31 16.95 16.70
CA TYR A 225 8.58 17.59 17.02
C TYR A 225 9.52 17.59 15.82
N LEU A 226 9.55 16.50 15.06
CA LEU A 226 10.44 16.42 13.92
C LEU A 226 10.01 17.36 12.80
N ARG A 227 8.70 17.55 12.62
CA ARG A 227 8.18 18.33 11.50
C ARG A 227 7.97 19.80 11.84
N LYS A 228 8.34 20.22 13.05
CA LYS A 228 8.08 21.61 13.46
C LYS A 228 9.08 22.55 12.82
N SER A 229 10.36 22.40 13.17
CA SER A 229 11.42 23.22 12.59
C SER A 229 12.74 22.51 12.80
N ARG A 230 13.37 22.06 11.71
CA ARG A 230 14.59 21.30 11.77
C ARG A 230 15.66 22.00 10.93
N THR A 231 16.91 21.56 11.10
CA THR A 231 18.01 22.12 10.31
C THR A 231 17.77 21.93 8.82
N SER A 232 17.02 20.90 8.44
CA SER A 232 16.63 20.65 7.06
C SER A 232 15.34 21.37 6.68
N GLU A 233 15.04 22.49 7.34
CA GLU A 233 13.81 23.24 7.10
C GLU A 233 13.61 23.48 5.62
N ASP A 234 12.41 23.15 5.13
CA ASP A 234 12.12 23.23 3.71
C ASP A 234 12.10 24.66 3.20
N GLY A 235 11.89 25.65 4.08
CA GLY A 235 11.88 27.03 3.64
C GLY A 235 13.22 27.50 3.11
N SER A 236 14.32 27.01 3.69
CA SER A 236 15.64 27.37 3.20
C SER A 236 15.89 26.81 1.81
N LEU A 237 15.62 25.52 1.62
CA LEU A 237 15.78 24.91 0.30
C LEU A 237 14.72 25.38 -0.68
N HIS A 238 13.67 26.06 -0.19
CA HIS A 238 12.54 26.40 -1.04
C HIS A 238 12.93 27.44 -2.09
N SER A 239 13.58 28.53 -1.67
CA SER A 239 13.93 29.60 -2.59
C SER A 239 14.98 29.16 -3.60
N LEU A 240 16.04 28.52 -3.11
CA LEU A 240 17.08 28.02 -4.02
C LEU A 240 16.52 26.97 -4.96
N LEU A 241 15.61 26.11 -4.47
CA LEU A 241 15.00 25.12 -5.34
C LEU A 241 14.14 25.76 -6.42
N PHE A 242 13.35 26.78 -6.06
CA PHE A 242 12.58 27.47 -7.08
C PHE A 242 13.50 28.18 -8.07
N LYS A 243 14.69 28.59 -7.62
CA LYS A 243 15.72 29.04 -8.56
C LYS A 243 16.14 27.91 -9.50
N ILE A 244 16.24 26.68 -8.98
CA ILE A 244 16.60 25.55 -9.82
C ILE A 244 15.53 25.30 -10.88
N ILE A 245 14.26 25.36 -10.49
CA ILE A 245 13.22 25.25 -11.51
C ILE A 245 13.27 26.43 -12.48
N ASN A 246 13.58 27.63 -11.99
CA ASN A 246 13.77 28.77 -12.88
C ASN A 246 14.87 28.49 -13.90
N GLN A 247 15.90 27.76 -13.49
CA GLN A 247 16.87 27.22 -14.45
C GLN A 247 16.19 26.27 -15.43
N GLU A 248 15.29 25.43 -14.92
CA GLU A 248 14.57 24.50 -15.80
C GLU A 248 13.75 25.24 -16.85
N LEU A 249 13.31 26.46 -16.55
CA LEU A 249 12.64 27.29 -17.56
C LEU A 249 13.49 27.40 -18.83
N ALA A 250 14.80 27.47 -18.68
CA ALA A 250 15.70 27.49 -19.82
C ALA A 250 15.95 26.08 -20.33
N ASN A 258 17.37 16.67 -16.02
CA ASN A 258 17.96 17.78 -15.28
C ASN A 258 17.85 17.57 -13.78
N ASN A 259 18.75 18.20 -13.03
CA ASN A 259 18.63 18.22 -11.58
C ASN A 259 17.39 18.97 -11.13
N ALA A 260 16.93 19.94 -11.93
CA ALA A 260 15.76 20.72 -11.55
C ALA A 260 14.53 19.85 -11.42
N ILE A 261 14.32 18.95 -12.38
CA ILE A 261 13.20 18.00 -12.28
C ILE A 261 13.35 17.14 -11.04
N ARG A 262 14.56 16.63 -10.81
CA ARG A 262 14.80 15.73 -9.68
C ARG A 262 14.41 16.40 -8.37
N ALA A 263 14.93 17.59 -8.12
CA ALA A 263 14.66 18.24 -6.84
C ALA A 263 13.26 18.85 -6.77
N LEU A 264 12.69 19.27 -7.90
CA LEU A 264 11.30 19.71 -7.91
C LEU A 264 10.38 18.58 -7.49
N PHE A 265 10.60 17.37 -8.02
CA PHE A 265 9.78 16.25 -7.61
C PHE A 265 10.11 15.80 -6.19
N ALA A 266 11.35 16.01 -5.75
CA ALA A 266 11.67 15.79 -4.34
C ALA A 266 10.77 16.64 -3.44
N LEU A 267 10.69 17.94 -3.72
CA LEU A 267 9.84 18.81 -2.91
C LEU A 267 8.35 18.55 -3.14
N PHE A 268 7.97 18.12 -4.34
CA PHE A 268 6.57 17.78 -4.62
C PHE A 268 6.12 16.59 -3.78
N TYR A 269 6.91 15.51 -3.82
CA TYR A 269 6.68 14.39 -2.92
C TYR A 269 6.75 14.83 -1.47
N GLY A 270 7.61 15.81 -1.17
CA GLY A 270 7.68 16.32 0.19
C GLY A 270 6.37 16.92 0.65
N THR A 271 5.78 17.78 -0.17
CA THR A 271 4.53 18.42 0.24
C THR A 271 3.38 17.41 0.26
N GLN A 272 3.39 16.45 -0.67
CA GLN A 272 2.38 15.40 -0.64
C GLN A 272 2.46 14.59 0.65
N THR A 273 3.69 14.22 1.05
CA THR A 273 3.81 13.48 2.29
C THR A 273 3.57 14.37 3.50
N PHE A 274 3.75 15.69 3.38
CA PHE A 274 3.41 16.57 4.50
C PHE A 274 1.90 16.59 4.73
N ILE A 275 1.11 16.71 3.67
CA ILE A 275 -0.34 16.67 3.85
C ILE A 275 -0.76 15.28 4.32
N SER A 276 -0.06 14.24 3.87
CA SER A 276 -0.30 12.90 4.40
C SER A 276 -0.02 12.84 5.89
N ILE A 277 1.09 13.44 6.32
CA ILE A 277 1.43 13.50 7.74
C ILE A 277 0.32 14.19 8.53
N MET A 278 -0.18 15.31 8.01
CA MET A 278 -1.23 16.03 8.73
C MET A 278 -2.49 15.20 8.86
N PHE A 279 -2.93 14.60 7.75
CA PHE A 279 -4.15 13.78 7.80
C PHE A 279 -3.98 12.58 8.72
N TYR A 280 -2.85 11.89 8.61
CA TYR A 280 -2.62 10.72 9.46
C TYR A 280 -2.53 11.12 10.92
N LEU A 281 -1.90 12.26 11.21
CA LEU A 281 -1.75 12.69 12.60
C LEU A 281 -3.09 13.05 13.20
N VAL A 282 -3.92 13.79 12.47
CA VAL A 282 -5.24 14.13 13.02
C VAL A 282 -6.10 12.87 13.12
N LYS A 283 -5.96 11.94 12.18
CA LYS A 283 -6.69 10.69 12.23
C LYS A 283 -6.32 9.88 13.48
N GLN A 284 -5.03 9.80 13.77
CA GLN A 284 -4.60 8.98 14.89
C GLN A 284 -4.89 9.64 16.23
N TYR A 285 -4.80 10.98 16.29
CA TYR A 285 -5.32 11.67 17.47
C TYR A 285 -6.80 11.42 17.66
N SER A 286 -7.58 11.45 16.58
CA SER A 286 -9.01 11.15 16.70
C SER A 286 -9.23 9.74 17.22
N TYR A 287 -8.49 8.78 16.67
CA TYR A 287 -8.68 7.39 17.08
C TYR A 287 -8.31 7.20 18.55
N LEU A 288 -7.19 7.76 18.98
CA LEU A 288 -6.79 7.57 20.38
C LEU A 288 -7.74 8.31 21.31
N ALA A 289 -8.25 9.47 20.87
CA ALA A 289 -9.22 10.19 21.67
C ALA A 289 -10.49 9.36 21.85
N ASP A 290 -10.96 8.74 20.77
CA ASP A 290 -12.13 7.86 20.87
C ASP A 290 -11.83 6.67 21.77
N TYR A 291 -10.66 6.04 21.58
CA TYR A 291 -10.33 4.84 22.32
C TYR A 291 -10.26 5.09 23.81
N HIS A 292 -9.57 6.16 24.22
CA HIS A 292 -9.49 6.46 25.63
C HIS A 292 -10.71 7.23 26.13
N TYR A 293 -11.60 7.65 25.22
CA TYR A 293 -12.84 8.29 25.61
C TYR A 293 -13.96 7.28 25.88
N GLN A 294 -13.75 6.01 25.55
CA GLN A 294 -14.70 4.95 25.88
C GLN A 294 -14.40 4.48 27.30
N ASN A 295 -14.91 5.27 28.26
CA ASN A 295 -14.82 5.04 29.69
C ASN A 295 -13.40 5.19 30.24
N GLY A 296 -12.44 5.59 29.41
CA GLY A 296 -11.10 5.80 29.94
C GLY A 296 -11.02 7.01 30.84
N ASN A 297 -11.14 8.20 30.24
CA ASN A 297 -11.23 9.46 30.98
C ASN A 297 -11.58 10.59 30.03
N LEU A 298 -12.50 11.45 30.44
CA LEU A 298 -12.89 12.58 29.60
C LEU A 298 -11.83 13.69 29.64
N ALA A 299 -11.02 13.73 30.69
CA ALA A 299 -10.06 14.81 30.85
C ALA A 299 -9.03 14.82 29.72
N GLU A 300 -8.22 13.75 29.63
CA GLU A 300 -7.26 13.75 28.54
C GLU A 300 -7.91 13.49 27.19
N PHE A 301 -9.19 13.08 27.17
CA PHE A 301 -9.94 13.11 25.92
C PHE A 301 -10.09 14.55 25.42
N ASN A 302 -10.49 15.47 26.30
CA ASN A 302 -10.52 16.88 25.93
C ASN A 302 -9.12 17.38 25.60
N SER A 303 -8.11 16.88 26.31
CA SER A 303 -6.74 17.27 26.00
C SER A 303 -6.37 16.88 24.57
N ASN A 304 -6.70 15.66 24.16
CA ASN A 304 -6.42 15.24 22.79
C ASN A 304 -7.27 15.98 21.79
N PHE A 305 -8.50 16.34 22.17
CA PHE A 305 -9.34 17.16 21.31
C PHE A 305 -8.65 18.49 21.00
N ASP A 306 -8.22 19.18 22.05
CA ASP A 306 -7.45 20.41 21.87
C ASP A 306 -6.18 20.13 21.08
N HIS A 307 -5.59 18.94 21.25
CA HIS A 307 -4.36 18.61 20.55
C HIS A 307 -4.56 18.59 19.04
N MET A 308 -5.55 17.84 18.54
CA MET A 308 -5.65 17.81 17.09
C MET A 308 -6.26 19.10 16.56
N LYS A 309 -7.04 19.82 17.38
CA LYS A 309 -7.47 21.15 16.95
C LYS A 309 -6.27 22.06 16.74
N THR A 310 -5.32 22.05 17.68
CA THR A 310 -4.13 22.87 17.56
C THR A 310 -3.30 22.44 16.35
N VAL A 311 -3.16 21.14 16.12
CA VAL A 311 -2.38 20.68 14.99
C VAL A 311 -3.00 21.10 13.67
N PHE A 312 -4.32 20.92 13.55
CA PHE A 312 -4.98 21.27 12.29
C PHE A 312 -4.92 22.77 12.04
N GLN A 313 -5.12 23.59 13.08
CA GLN A 313 -5.00 25.03 12.87
C GLN A 313 -3.55 25.45 12.66
N ASP A 314 -2.59 24.68 13.18
CA ASP A 314 -1.18 24.95 12.90
C ASP A 314 -0.89 24.76 11.43
N PHE A 315 -1.36 23.66 10.84
CA PHE A 315 -1.18 23.49 9.40
C PHE A 315 -1.97 24.52 8.61
N LYS A 316 -3.15 24.89 9.10
CA LYS A 316 -3.93 25.93 8.45
C LYS A 316 -3.13 27.23 8.39
N PHE A 317 -2.42 27.54 9.48
CA PHE A 317 -1.56 28.73 9.49
C PHE A 317 -0.36 28.56 8.57
N THR A 318 0.24 27.36 8.57
CA THR A 318 1.46 27.17 7.77
C THR A 318 1.19 27.22 6.28
N LEU A 319 -0.01 26.85 5.84
CA LEU A 319 -0.29 26.83 4.40
C LEU A 319 -1.40 27.80 3.98
N ILE A 320 -1.95 28.59 4.89
CA ILE A 320 -2.94 29.60 4.55
C ILE A 320 -2.62 30.89 5.27
N GLY A 321 -1.38 31.04 5.73
CA GLY A 321 -0.96 32.10 6.63
C GLY A 321 -1.55 33.48 6.41
N ILE A 322 -2.04 34.08 7.49
CA ILE A 322 -2.62 35.41 7.45
C ILE A 322 -1.66 36.38 8.12
N ASN A 323 -0.38 36.04 8.12
CA ASN A 323 0.67 36.87 8.71
C ASN A 323 1.54 37.42 7.59
N THR A 324 1.67 38.75 7.55
CA THR A 324 2.50 39.39 6.52
C THR A 324 3.96 38.99 6.67
N SER A 325 4.45 38.95 7.91
CA SER A 325 5.83 38.55 8.17
C SER A 325 5.96 37.03 8.29
N ASN A 326 5.47 36.33 7.27
CA ASN A 326 5.51 34.88 7.23
C ASN A 326 5.80 34.43 5.81
N SER A 327 6.33 33.22 5.70
CA SER A 327 6.67 32.68 4.39
C SER A 327 5.42 32.44 3.54
N LYS A 328 5.58 32.57 2.24
CA LYS A 328 4.47 32.32 1.33
C LYS A 328 4.06 30.85 1.42
N PRO A 329 2.78 30.53 1.25
CA PRO A 329 2.35 29.13 1.36
C PRO A 329 3.04 28.26 0.32
N LEU A 330 3.42 27.05 0.74
CA LEU A 330 4.15 26.15 -0.15
C LEU A 330 3.28 25.76 -1.35
N VAL A 331 2.02 25.44 -1.11
CA VAL A 331 1.16 24.91 -2.18
C VAL A 331 0.95 25.96 -3.27
N ASN A 332 0.71 27.21 -2.88
CA ASN A 332 0.45 28.25 -3.87
C ASN A 332 1.71 28.59 -4.66
N THR A 333 2.86 28.61 -3.99
CA THR A 333 4.11 28.83 -4.71
C THR A 333 4.40 27.71 -5.69
N VAL A 334 4.12 26.46 -5.28
CA VAL A 334 4.26 25.33 -6.19
C VAL A 334 3.33 25.51 -7.40
N LEU A 335 2.11 25.97 -7.16
CA LEU A 335 1.20 26.25 -8.26
C LEU A 335 1.81 27.26 -9.22
N SER A 336 2.28 28.40 -8.68
CA SER A 336 2.87 29.44 -9.53
C SER A 336 4.04 28.88 -10.34
N ILE A 337 4.82 27.99 -9.73
CA ILE A 337 5.86 27.28 -10.48
C ILE A 337 5.25 26.47 -11.61
N ILE A 338 4.09 25.85 -11.36
CA ILE A 338 3.46 25.06 -12.42
C ILE A 338 3.08 25.94 -13.59
N GLU A 339 2.49 27.12 -13.33
CA GLU A 339 2.16 28.01 -14.44
C GLU A 339 3.41 28.50 -15.16
N ASP A 340 4.47 28.83 -14.41
CA ASP A 340 5.65 29.32 -15.12
C ASP A 340 6.28 28.21 -15.98
N VAL A 341 6.25 26.97 -15.49
CA VAL A 341 6.76 25.85 -16.26
C VAL A 341 5.93 25.63 -17.52
N LYS A 342 4.60 25.69 -17.42
CA LYS A 342 3.82 25.54 -18.64
C LYS A 342 3.99 26.73 -19.56
N ASN A 343 4.35 27.90 -19.02
CA ASN A 343 4.66 29.05 -19.87
C ASN A 343 5.99 28.85 -20.59
N LYS A 344 6.89 28.07 -20.01
CA LYS A 344 8.18 27.82 -20.65
C LYS A 344 8.01 27.21 -22.04
N ARG A 345 7.02 26.33 -22.20
CA ARG A 345 6.75 25.67 -23.47
C ARG A 345 7.97 24.89 -23.97
N PHE A 346 8.38 23.91 -23.16
CA PHE A 346 9.52 23.07 -23.46
C PHE A 346 9.14 21.62 -23.22
N ILE A 347 10.03 20.70 -23.60
CA ILE A 347 9.81 19.28 -23.43
C ILE A 347 10.64 18.77 -22.27
N ARG A 348 10.23 17.64 -21.71
CA ARG A 348 10.91 17.03 -20.57
C ARG A 348 10.50 15.57 -20.50
N ASN A 349 10.86 14.92 -19.39
CA ASN A 349 10.53 13.52 -19.19
C ASN A 349 9.05 13.32 -18.86
N LEU A 350 8.60 12.08 -18.96
CA LEU A 350 7.21 11.75 -18.63
C LEU A 350 6.93 11.91 -17.14
N ARG A 351 7.96 12.03 -16.31
CA ARG A 351 7.76 12.32 -14.90
C ARG A 351 7.04 13.66 -14.74
N SER A 352 7.42 14.64 -15.56
CA SER A 352 6.69 15.91 -15.57
C SER A 352 5.25 15.72 -15.99
N ASN A 353 4.98 14.78 -16.91
CA ASN A 353 3.60 14.49 -17.28
C ASN A 353 2.82 13.93 -16.10
N LEU A 354 3.44 13.03 -15.32
CA LEU A 354 2.80 12.55 -14.10
C LEU A 354 2.56 13.70 -13.12
N TYR A 355 3.48 14.67 -13.10
CA TYR A 355 3.29 15.86 -12.29
C TYR A 355 2.05 16.62 -12.72
N GLN A 356 1.88 16.80 -14.04
CA GLN A 356 0.69 17.47 -14.55
C GLN A 356 -0.57 16.71 -14.21
N LYS A 357 -0.49 15.37 -14.18
CA LYS A 357 -1.64 14.58 -13.75
C LYS A 357 -1.94 14.80 -12.27
N ILE A 358 -0.90 14.95 -11.44
CA ILE A 358 -1.10 15.15 -10.00
C ILE A 358 -1.46 16.59 -9.64
N ILE A 359 -1.38 17.52 -10.60
CA ILE A 359 -1.76 18.91 -10.32
C ILE A 359 -3.20 18.98 -9.83
N LYS A 360 -4.09 18.23 -10.50
CA LYS A 360 -5.50 18.24 -10.13
C LYS A 360 -5.70 17.76 -8.70
N SER A 361 -5.01 16.68 -8.33
CA SER A 361 -5.12 16.17 -6.98
C SER A 361 -4.60 17.19 -5.97
N THR A 362 -3.51 17.87 -6.29
CA THR A 362 -2.96 18.86 -5.38
C THR A 362 -3.95 20.00 -5.15
N LYS A 363 -4.55 20.51 -6.23
CA LYS A 363 -5.47 21.63 -6.07
C LYS A 363 -6.74 21.18 -5.35
N SER A 364 -7.19 19.95 -5.59
CA SER A 364 -8.34 19.44 -4.86
C SER A 364 -8.04 19.33 -3.37
N LEU A 365 -6.86 18.81 -3.03
CA LEU A 365 -6.46 18.73 -1.63
C LEU A 365 -6.41 20.11 -0.99
N LEU A 366 -5.86 21.10 -1.72
CA LEU A 366 -5.89 22.47 -1.24
C LEU A 366 -7.31 22.90 -0.92
N ASP A 367 -8.17 22.96 -1.95
CA ASP A 367 -9.53 23.45 -1.79
C ASP A 367 -10.23 22.77 -0.63
N LEU A 368 -10.09 21.45 -0.53
CA LEU A 368 -10.70 20.72 0.58
C LEU A 368 -10.12 21.17 1.92
N ARG A 369 -8.80 21.40 1.98
CA ARG A 369 -8.19 21.72 3.26
C ARG A 369 -8.65 23.08 3.76
N GLU A 370 -8.81 24.06 2.86
CA GLU A 370 -9.44 25.31 3.29
C GLU A 370 -10.96 25.19 3.49
N LYS A 371 -11.61 24.20 2.88
CA LYS A 371 -13.06 24.09 3.07
C LYS A 371 -13.43 23.31 4.31
N ILE A 372 -12.47 22.61 4.93
CA ILE A 372 -12.78 21.85 6.15
C ILE A 372 -13.21 22.78 7.27
N THR A 373 -12.52 23.89 7.44
CA THR A 373 -12.86 24.84 8.51
C THR A 373 -12.85 26.27 7.99
N SER A 386 -16.18 20.13 10.70
CA SER A 386 -15.62 19.15 11.62
C SER A 386 -16.43 19.09 12.91
N SER A 387 -15.75 19.15 14.05
CA SER A 387 -16.40 19.07 15.34
C SER A 387 -16.94 20.44 15.76
N VAL A 388 -17.81 20.42 16.78
CA VAL A 388 -18.26 21.67 17.37
C VAL A 388 -17.12 22.28 18.19
N LEU A 389 -17.14 23.61 18.31
CA LEU A 389 -15.99 24.36 18.78
C LEU A 389 -16.07 24.84 20.22
N ILE A 390 -17.22 24.73 20.88
CA ILE A 390 -17.47 25.40 22.14
C ILE A 390 -17.81 24.36 23.21
N ASN A 391 -17.85 24.82 24.46
CA ASN A 391 -18.32 24.01 25.58
C ASN A 391 -19.43 24.78 26.31
N PHE A 392 -19.87 24.28 27.46
CA PHE A 392 -20.98 24.90 28.16
C PHE A 392 -20.76 24.79 29.66
N ARG A 393 -21.68 25.40 30.42
CA ARG A 393 -21.66 25.39 31.88
C ARG A 393 -23.02 24.94 32.39
N GLU A 394 -23.03 24.34 33.58
CA GLU A 394 -24.27 23.85 34.17
C GLU A 394 -24.09 23.78 35.69
N LYS A 395 -25.14 23.34 36.38
CA LYS A 395 -25.12 23.18 37.83
C LYS A 395 -26.06 22.05 38.20
N SER A 396 -26.21 21.81 39.51
CA SER A 396 -27.02 20.72 40.03
C SER A 396 -28.10 21.26 40.96
N SER A 397 -29.05 20.38 41.29
CA SER A 397 -30.14 20.73 42.19
C SER A 397 -30.75 19.44 42.73
N SER A 398 -30.96 19.37 44.04
CA SER A 398 -31.53 18.19 44.66
C SER A 398 -33.06 18.30 44.66
N VAL A 399 -33.72 17.42 43.93
CA VAL A 399 -35.18 17.39 43.88
C VAL A 399 -35.69 16.65 45.11
N PRO A 400 -36.46 17.31 45.98
CA PRO A 400 -36.93 16.64 47.20
C PRO A 400 -38.27 15.95 47.03
N ARG A 401 -38.69 15.71 45.79
CA ARG A 401 -40.03 15.18 45.54
C ARG A 401 -40.21 13.79 46.15
N ILE A 402 -39.26 12.89 45.88
CA ILE A 402 -39.35 11.51 46.36
C ILE A 402 -37.99 11.06 46.86
N GLU A 403 -38.01 10.04 47.73
CA GLU A 403 -36.80 9.46 48.31
C GLU A 403 -36.85 7.95 48.13
N THR A 404 -35.76 7.38 47.60
CA THR A 404 -35.69 5.95 47.36
C THR A 404 -34.37 5.38 47.88
N PRO A 405 -34.40 4.29 48.64
CA PRO A 405 -33.15 3.65 49.05
C PRO A 405 -32.62 2.78 47.91
N ILE A 406 -31.44 3.15 47.38
CA ILE A 406 -30.90 2.53 46.18
C ILE A 406 -29.47 2.08 46.46
N LEU A 407 -29.12 0.94 45.87
CA LEU A 407 -27.77 0.41 45.93
C LEU A 407 -26.98 0.59 44.64
N LYS A 408 -27.63 0.64 43.48
CA LYS A 408 -26.93 0.91 42.24
C LYS A 408 -26.29 2.30 42.28
N TRP A 409 -27.03 3.28 42.76
CA TRP A 409 -26.45 4.58 43.09
C TRP A 409 -25.66 4.41 44.38
N THR A 410 -24.37 4.13 44.24
CA THR A 410 -23.57 3.66 45.37
C THR A 410 -23.41 4.75 46.41
N PRO A 411 -23.80 4.50 47.67
CA PRO A 411 -23.66 5.54 48.70
C PRO A 411 -22.19 5.82 49.00
N GLY A 412 -21.93 7.05 49.42
CA GLY A 412 -20.58 7.47 49.73
C GLY A 412 -19.73 7.82 48.54
N THR A 413 -20.30 7.82 47.33
CA THR A 413 -19.58 8.12 46.11
C THR A 413 -19.93 9.53 45.63
N VAL A 414 -19.11 10.04 44.71
CA VAL A 414 -19.19 11.43 44.29
C VAL A 414 -20.24 11.57 43.20
N VAL A 415 -20.87 12.75 43.13
CA VAL A 415 -21.88 13.06 42.14
C VAL A 415 -21.34 14.00 41.06
N LYS A 416 -20.01 13.98 40.86
CA LYS A 416 -19.38 14.79 39.82
C LYS A 416 -20.05 14.55 38.48
N TYR A 417 -20.39 15.63 37.79
CA TYR A 417 -21.10 15.54 36.52
C TYR A 417 -20.44 16.45 35.50
N ALA A 418 -20.91 16.35 34.25
CA ALA A 418 -20.41 17.15 33.15
C ALA A 418 -21.41 17.05 32.00
N ILE A 419 -21.26 17.92 31.02
CA ILE A 419 -22.14 17.96 29.86
C ILE A 419 -21.30 18.09 28.60
N GLN A 420 -21.88 17.70 27.47
CA GLN A 420 -21.23 17.82 26.18
C GLN A 420 -22.27 18.16 25.13
N TYR A 421 -21.81 18.73 24.02
CA TYR A 421 -22.70 19.14 22.95
C TYR A 421 -22.73 18.07 21.87
N GLU A 422 -23.93 17.84 21.32
CA GLU A 422 -24.09 16.85 20.25
C GLU A 422 -25.27 17.30 19.39
N GLN A 423 -24.96 17.87 18.23
CA GLN A 423 -25.99 18.37 17.32
C GLN A 423 -25.57 18.07 15.89
N ASP A 424 -26.53 17.60 15.08
CA ASP A 424 -26.34 17.39 13.65
C ASP A 424 -25.15 16.48 13.36
N GLY A 425 -25.04 15.40 14.12
CA GLY A 425 -23.97 14.44 13.91
C GLY A 425 -22.59 14.97 14.20
N LYS A 426 -22.44 15.84 15.20
CA LYS A 426 -21.16 16.35 15.62
C LYS A 426 -21.11 16.33 17.14
N TYR A 427 -19.93 16.56 17.70
CA TYR A 427 -19.79 16.54 19.15
C TYR A 427 -18.78 17.58 19.58
N SER A 428 -18.98 18.06 20.81
CA SER A 428 -18.05 18.95 21.49
C SER A 428 -17.91 18.47 22.93
N LYS A 429 -16.68 18.21 23.33
CA LYS A 429 -16.39 17.62 24.64
C LYS A 429 -16.13 18.72 25.66
N ILE A 430 -16.62 18.50 26.88
CA ILE A 430 -16.31 19.35 28.02
C ILE A 430 -16.02 18.46 29.21
N SER A 431 -15.34 19.02 30.20
CA SER A 431 -14.96 18.25 31.39
C SER A 431 -14.80 19.19 32.56
N LYS A 432 -15.79 19.19 33.47
CA LYS A 432 -15.71 20.01 34.67
C LYS A 432 -16.85 19.64 35.59
N TRP A 433 -16.58 19.62 36.89
CA TRP A 433 -17.60 19.53 37.94
C TRP A 433 -17.11 20.39 39.10
N SER A 434 -17.54 21.65 39.13
CA SER A 434 -17.07 22.58 40.14
C SER A 434 -17.47 22.17 41.54
N ASN A 435 -18.57 21.42 41.68
CA ASN A 435 -19.07 20.96 42.98
C ASN A 435 -19.28 19.46 42.93
N PRO A 436 -18.21 18.67 42.97
CA PRO A 436 -18.35 17.21 43.06
C PRO A 436 -18.69 16.79 44.47
N ILE A 437 -19.94 16.40 44.69
CA ILE A 437 -20.47 16.18 46.02
C ILE A 437 -20.72 14.68 46.21
N THR A 438 -20.82 14.27 47.46
CA THR A 438 -21.02 12.86 47.83
C THR A 438 -22.25 12.72 48.72
N VAL A 439 -23.36 13.31 48.27
CA VAL A 439 -24.60 13.28 49.05
C VAL A 439 -25.01 11.85 49.35
N GLN A 440 -25.52 11.63 50.55
CA GLN A 440 -25.98 10.31 50.99
C GLN A 440 -27.48 10.14 50.75
N ARG A 441 -27.91 10.34 49.51
CA ARG A 441 -29.32 10.26 49.15
C ARG A 441 -29.45 9.47 47.86
N LEU A 442 -30.65 9.48 47.30
CA LEU A 442 -30.95 8.73 46.08
C LEU A 442 -30.45 9.48 44.86
N ALA A 443 -30.90 9.05 43.68
CA ALA A 443 -30.62 9.74 42.44
C ALA A 443 -31.52 10.96 42.23
N ASN A 444 -32.17 11.43 43.30
CA ASN A 444 -33.06 12.58 43.18
C ASN A 444 -32.38 13.89 42.81
N PRO A 445 -31.07 14.15 43.11
CA PRO A 445 -30.49 15.42 42.66
C PRO A 445 -30.51 15.60 41.15
N TYR A 446 -31.26 16.59 40.69
CA TYR A 446 -31.31 16.93 39.27
C TYR A 446 -30.13 17.83 38.93
N ILE A 447 -30.15 18.42 37.74
CA ILE A 447 -29.08 19.29 37.27
C ILE A 447 -29.67 20.66 36.95
N THR A 448 -29.06 21.70 37.51
CA THR A 448 -29.43 23.08 37.18
C THR A 448 -28.69 23.50 35.91
N ILE A 449 -29.06 22.83 34.81
CA ILE A 449 -28.43 23.11 33.52
C ILE A 449 -29.04 24.39 32.93
N ASP A 450 -28.17 25.28 32.47
CA ASP A 450 -28.62 26.46 31.75
C ASP A 450 -29.14 26.05 30.39
N LYS A 451 -30.25 26.66 29.97
CA LYS A 451 -30.90 26.26 28.73
C LYS A 451 -30.03 26.62 27.53
N ASP A 452 -30.19 25.87 26.45
CA ASP A 452 -29.32 25.98 25.30
C ASP A 452 -30.09 25.59 24.05
N ARG A 453 -29.55 25.98 22.90
CA ARG A 453 -30.12 25.63 21.61
C ARG A 453 -29.50 24.36 21.04
N ARG A 454 -28.55 23.76 21.74
CA ARG A 454 -27.87 22.55 21.29
C ARG A 454 -28.24 21.39 22.21
N ASN A 455 -28.49 20.23 21.63
CA ASN A 455 -28.80 19.04 22.42
C ASN A 455 -27.66 18.72 23.36
N ARG A 456 -27.97 18.43 24.61
CA ARG A 456 -26.97 18.23 25.64
C ARG A 456 -26.92 16.76 26.05
N LEU A 457 -25.71 16.19 26.04
CA LEU A 457 -25.46 14.86 26.58
C LEU A 457 -24.79 15.03 27.94
N VAL A 458 -25.52 14.68 29.00
CA VAL A 458 -25.09 14.93 30.37
C VAL A 458 -24.65 13.61 30.99
N PHE A 459 -23.40 13.57 31.44
CA PHE A 459 -22.85 12.44 32.16
C PHE A 459 -22.59 12.82 33.60
N ARG A 460 -22.39 11.81 34.44
CA ARG A 460 -22.18 12.01 35.86
C ARG A 460 -21.20 10.96 36.35
N GLN A 461 -20.31 11.37 37.25
CA GLN A 461 -19.13 10.57 37.57
C GLN A 461 -19.00 10.34 39.06
N PHE A 462 -18.74 9.08 39.43
CA PHE A 462 -18.41 8.68 40.78
C PHE A 462 -16.98 9.01 41.18
N GLY A 463 -16.05 9.03 40.22
CA GLY A 463 -14.65 9.20 40.52
C GLY A 463 -13.82 8.10 39.90
N ASN A 464 -14.43 7.34 39.01
CA ASN A 464 -13.84 6.16 38.39
C ASN A 464 -14.41 6.03 36.99
N GLU A 465 -14.33 4.83 36.41
CA GLU A 465 -14.84 4.57 35.06
C GLU A 465 -16.28 4.06 35.16
N LYS A 466 -17.20 4.85 34.59
CA LYS A 466 -18.63 4.53 34.65
C LYS A 466 -19.25 4.40 33.25
N PRO A 467 -20.54 4.03 33.15
CA PRO A 467 -21.24 4.14 31.86
C PRO A 467 -21.09 5.51 31.22
N GLU A 468 -21.08 6.56 32.04
CA GLU A 468 -20.73 7.90 31.59
C GLU A 468 -21.71 8.44 30.55
N LEU A 469 -22.94 7.93 30.56
CA LEU A 469 -23.98 8.41 29.65
C LEU A 469 -25.31 8.25 30.37
N ILE A 470 -25.87 9.36 30.86
CA ILE A 470 -27.06 9.35 31.69
C ILE A 470 -28.22 10.11 31.06
N SER A 471 -27.97 11.29 30.51
CA SER A 471 -29.03 12.08 29.91
C SER A 471 -28.67 12.45 28.48
N ILE A 472 -29.64 12.36 27.58
CA ILE A 472 -29.54 12.92 26.24
C ILE A 472 -30.78 13.77 26.05
N LEU A 473 -30.68 15.06 26.39
CA LEU A 473 -31.87 15.91 26.49
C LEU A 473 -31.73 17.11 25.57
N ASP A 474 -32.84 17.81 25.39
CA ASP A 474 -32.93 18.97 24.52
C ASP A 474 -33.24 20.26 25.28
N SER A 475 -34.28 20.25 26.11
CA SER A 475 -34.72 21.45 26.80
C SER A 475 -34.53 21.36 28.32
N SER A 476 -35.09 20.34 28.96
CA SER A 476 -35.00 20.25 30.40
C SER A 476 -35.20 18.80 30.84
N GLN A 477 -34.74 18.51 32.06
CA GLN A 477 -34.88 17.20 32.69
C GLN A 477 -34.54 17.35 34.16
N ASN A 478 -35.35 16.75 35.02
CA ASN A 478 -35.20 16.87 36.46
C ASN A 478 -34.95 15.49 37.06
N GLU A 479 -33.68 15.07 37.04
CA GLU A 479 -33.21 13.88 37.75
C GLU A 479 -33.83 12.59 37.24
N PHE A 480 -34.71 12.67 36.23
CA PHE A 480 -35.29 11.47 35.67
C PHE A 480 -34.25 10.63 34.95
N ARG A 481 -33.24 11.28 34.36
CA ARG A 481 -32.19 10.54 33.65
C ARG A 481 -31.40 9.65 34.59
N ASP A 482 -31.15 10.10 35.82
CA ASP A 482 -30.45 9.26 36.78
C ASP A 482 -31.25 8.01 37.11
N ILE A 483 -32.57 8.17 37.30
CA ILE A 483 -33.43 7.02 37.55
C ILE A 483 -33.41 6.08 36.35
N HIS A 484 -33.44 6.65 35.14
CA HIS A 484 -33.38 5.83 33.94
C HIS A 484 -32.08 5.06 33.84
N ARG A 485 -30.96 5.71 34.20
CA ARG A 485 -29.67 5.04 34.19
C ARG A 485 -29.62 3.91 35.21
N ASP A 486 -30.20 4.14 36.39
CA ASP A 486 -30.27 3.08 37.38
C ASP A 486 -31.12 1.91 36.88
N LEU A 487 -32.24 2.21 36.21
CA LEU A 487 -33.05 1.16 35.62
C LEU A 487 -32.25 0.37 34.59
N TYR A 488 -31.52 1.06 33.72
CA TYR A 488 -30.77 0.40 32.67
C TYR A 488 -29.68 -0.50 33.25
N ASN A 489 -28.91 0.02 34.19
CA ASN A 489 -27.82 -0.79 34.76
C ASN A 489 -28.36 -1.94 35.60
N ALA A 490 -29.51 -1.72 36.26
CA ALA A 490 -30.16 -2.81 36.97
C ALA A 490 -30.60 -3.91 36.02
N ALA A 491 -31.16 -3.53 34.87
CA ALA A 491 -31.51 -4.51 33.85
C ALA A 491 -30.27 -5.25 33.37
N GLN A 492 -29.16 -4.55 33.25
CA GLN A 492 -27.90 -5.18 32.86
C GLN A 492 -27.37 -6.16 33.92
N MET A 493 -27.75 -6.00 35.18
CA MET A 493 -27.25 -6.88 36.22
C MET A 493 -27.77 -8.30 36.01
N PRO A 494 -26.93 -9.32 36.18
CA PRO A 494 -27.37 -10.70 35.94
C PRO A 494 -28.16 -11.31 37.10
N TYR A 495 -28.20 -10.65 38.26
CA TYR A 495 -28.90 -11.18 39.43
C TYR A 495 -30.41 -10.97 39.25
N LYS A 496 -31.00 -11.89 38.47
CA LYS A 496 -32.41 -11.77 38.11
C LYS A 496 -33.31 -11.79 39.35
N GLU A 497 -32.96 -12.64 40.33
CA GLU A 497 -33.78 -12.77 41.53
C GLU A 497 -33.90 -11.44 42.27
N THR A 498 -32.82 -10.66 42.33
CA THR A 498 -32.89 -9.32 42.89
C THR A 498 -33.21 -8.26 41.85
N ALA A 499 -32.93 -8.54 40.57
CA ALA A 499 -33.27 -7.60 39.51
C ALA A 499 -34.77 -7.35 39.46
N LEU A 500 -35.57 -8.41 39.63
CA LEU A 500 -37.01 -8.24 39.61
C LEU A 500 -37.48 -7.33 40.76
N GLY A 501 -36.94 -7.55 41.96
CA GLY A 501 -37.35 -6.72 43.09
C GLY A 501 -36.93 -5.27 42.92
N ILE A 502 -35.69 -5.05 42.48
CA ILE A 502 -35.21 -3.68 42.35
C ILE A 502 -35.93 -2.96 41.21
N CYS A 503 -36.22 -3.65 40.11
CA CYS A 503 -36.94 -3.01 39.03
C CYS A 503 -38.36 -2.68 39.46
N ARG A 504 -39.00 -3.57 40.24
CA ARG A 504 -40.31 -3.26 40.76
C ARG A 504 -40.28 -2.02 41.64
N LYS A 505 -39.31 -1.95 42.55
CA LYS A 505 -39.29 -0.81 43.46
C LYS A 505 -38.96 0.49 42.74
N LEU A 506 -38.16 0.44 41.68
CA LEU A 506 -37.89 1.68 40.94
C LEU A 506 -39.06 2.09 40.05
N ILE A 507 -39.73 1.11 39.41
CA ILE A 507 -40.86 1.48 38.56
C ILE A 507 -42.03 1.97 39.40
N ASP A 508 -42.15 1.49 40.64
CA ASP A 508 -43.17 2.02 41.54
C ASP A 508 -42.91 3.49 41.85
N SER A 509 -41.64 3.91 41.83
CA SER A 509 -41.26 5.29 42.08
C SER A 509 -41.44 6.18 40.87
N GLY A 510 -41.84 5.65 39.72
CA GLY A 510 -42.00 6.45 38.53
C GLY A 510 -40.83 6.43 37.58
N ALA A 511 -40.20 5.27 37.37
CA ALA A 511 -39.05 5.16 36.47
C ALA A 511 -39.57 5.01 35.04
N GLN A 512 -39.78 6.16 34.40
CA GLN A 512 -40.24 6.16 33.02
C GLN A 512 -39.22 5.48 32.13
N VAL A 513 -39.72 4.77 31.10
CA VAL A 513 -38.87 3.99 30.22
C VAL A 513 -39.00 4.54 28.80
N GLY A 514 -38.13 4.05 27.92
CA GLY A 514 -38.04 4.53 26.57
C GLY A 514 -36.88 5.46 26.30
N ALA A 515 -36.12 5.82 27.33
CA ALA A 515 -34.97 6.69 27.16
C ALA A 515 -33.84 5.96 26.45
N SER A 516 -32.98 6.72 25.81
CA SER A 516 -31.82 6.19 25.11
C SER A 516 -30.58 6.32 25.98
N PHE A 517 -29.76 5.28 25.98
CA PHE A 517 -28.51 5.28 26.74
C PHE A 517 -27.38 4.78 25.86
N GLU A 518 -26.20 5.36 26.09
CA GLU A 518 -25.06 5.14 25.19
C GLU A 518 -25.48 5.45 23.76
N MET A 519 -26.26 6.52 23.62
CA MET A 519 -26.82 6.97 22.33
C MET A 519 -27.57 5.85 21.63
N GLY A 520 -28.36 5.10 22.38
CA GLY A 520 -29.18 4.05 21.81
C GLY A 520 -30.22 3.56 22.80
N ARG A 521 -31.31 3.02 22.25
CA ARG A 521 -32.35 2.40 23.07
C ARG A 521 -31.79 1.09 23.60
N LYS A 522 -31.50 1.05 24.90
CA LYS A 522 -30.73 -0.05 25.47
C LYS A 522 -31.49 -0.85 26.53
N SER A 523 -32.06 -0.18 27.54
CA SER A 523 -32.49 -0.81 28.79
C SER A 523 -33.08 -2.22 28.62
N ILE A 524 -34.02 -2.37 27.70
CA ILE A 524 -34.59 -3.69 27.44
C ILE A 524 -33.53 -4.65 26.92
N HIS A 525 -32.66 -4.17 26.04
CA HIS A 525 -31.59 -5.01 25.53
C HIS A 525 -30.53 -5.28 26.60
N ALA A 526 -30.37 -4.38 27.56
CA ALA A 526 -29.50 -4.67 28.69
C ALA A 526 -30.06 -5.80 29.53
N SER A 527 -31.37 -5.79 29.76
CA SER A 527 -32.01 -6.92 30.44
C SER A 527 -31.84 -8.19 29.62
N ALA A 528 -31.93 -8.07 28.29
CA ALA A 528 -31.75 -9.23 27.43
C ALA A 528 -30.34 -9.80 27.53
N THR A 529 -29.32 -8.92 27.58
CA THR A 529 -27.96 -9.37 27.81
C THR A 529 -27.85 -10.11 29.14
N ALA A 530 -28.37 -9.49 30.20
CA ALA A 530 -28.40 -10.18 31.49
C ALA A 530 -29.37 -11.34 31.51
N GLY A 531 -30.30 -11.41 30.55
CA GLY A 531 -31.27 -12.48 30.48
C GLY A 531 -32.37 -12.42 31.51
N ASN A 532 -32.50 -11.30 32.23
CA ASN A 532 -33.50 -11.20 33.28
C ASN A 532 -34.90 -11.35 32.70
N ASP A 533 -35.75 -12.07 33.43
CA ASP A 533 -37.07 -12.44 32.95
C ASP A 533 -38.17 -11.54 33.51
N ASP A 534 -38.34 -11.54 34.84
CA ASP A 534 -39.47 -10.83 35.43
C ASP A 534 -39.41 -9.34 35.15
N VAL A 535 -38.20 -8.78 34.99
CA VAL A 535 -38.09 -7.35 34.70
C VAL A 535 -38.81 -7.03 33.40
N ALA A 536 -38.54 -7.80 32.35
CA ALA A 536 -39.20 -7.56 31.07
C ALA A 536 -40.67 -7.93 31.14
N ARG A 537 -41.01 -9.00 31.86
CA ARG A 537 -42.41 -9.42 31.90
C ARG A 537 -43.28 -8.42 32.63
N LEU A 538 -42.70 -7.61 33.52
CA LEU A 538 -43.45 -6.53 34.14
C LEU A 538 -43.33 -5.21 33.39
N LEU A 539 -42.24 -5.01 32.64
CA LEU A 539 -42.21 -3.90 31.68
C LEU A 539 -43.12 -4.13 30.48
N LEU A 540 -43.69 -5.32 30.32
CA LEU A 540 -44.58 -5.59 29.20
C LEU A 540 -45.81 -4.69 29.19
N ALA A 541 -45.94 -3.81 30.19
CA ALA A 541 -46.98 -2.80 30.14
C ALA A 541 -46.84 -1.93 28.90
N LYS A 542 -45.60 -1.60 28.53
CA LYS A 542 -45.32 -0.90 27.27
C LYS A 542 -45.09 -1.93 26.18
N ASN A 543 -46.20 -2.52 25.72
CA ASN A 543 -46.12 -3.61 24.76
C ASN A 543 -45.48 -3.17 23.45
N ASN A 544 -45.64 -1.90 23.10
CA ASN A 544 -45.05 -1.38 21.87
C ASN A 544 -43.53 -1.44 21.92
N GLY A 545 -42.94 -1.11 23.07
CA GLY A 545 -41.51 -1.06 23.20
C GLY A 545 -40.82 -2.42 23.07
N LEU A 546 -41.05 -3.30 24.04
CA LEU A 546 -40.34 -4.57 24.09
C LEU A 546 -40.55 -5.39 22.82
N LEU A 547 -41.66 -5.15 22.12
CA LEU A 547 -41.97 -5.92 20.92
C LEU A 547 -40.91 -5.68 19.84
N ASN A 548 -40.64 -4.42 19.52
CA ASN A 548 -39.81 -4.12 18.36
C ASN A 548 -38.86 -2.95 18.56
N VAL A 549 -38.49 -2.59 19.79
CA VAL A 549 -37.63 -1.44 20.01
C VAL A 549 -36.27 -1.68 19.36
N PRO A 550 -35.81 -0.78 18.49
CA PRO A 550 -34.49 -0.96 17.88
C PRO A 550 -33.37 -0.44 18.78
N ASP A 551 -32.15 -0.45 18.26
CA ASP A 551 -30.99 0.06 18.98
C ASP A 551 -30.23 1.03 18.09
N LYS A 552 -29.01 1.39 18.50
CA LYS A 552 -28.16 2.23 17.68
C LYS A 552 -28.04 1.67 16.27
N ASN A 553 -27.73 0.37 16.18
CA ASN A 553 -27.67 -0.34 14.92
C ASN A 553 -28.94 -1.12 14.64
N GLY A 554 -29.99 -0.90 15.43
CA GLY A 554 -31.23 -1.61 15.23
C GLY A 554 -31.28 -3.01 15.80
N TYR A 555 -30.41 -3.32 16.76
CA TYR A 555 -30.47 -4.61 17.44
C TYR A 555 -31.75 -4.71 18.25
N THR A 556 -32.65 -5.58 17.81
CA THR A 556 -33.86 -5.84 18.58
C THR A 556 -33.53 -6.62 19.85
N PRO A 557 -34.39 -6.57 20.86
CA PRO A 557 -34.15 -7.38 22.06
C PRO A 557 -34.03 -8.86 21.73
N LEU A 558 -34.71 -9.30 20.66
CA LEU A 558 -34.50 -10.66 20.19
C LEU A 558 -33.07 -10.86 19.72
N HIS A 559 -32.55 -9.92 18.92
CA HIS A 559 -31.16 -10.01 18.47
C HIS A 559 -30.21 -10.07 19.65
N ILE A 560 -30.43 -9.21 20.65
CA ILE A 560 -29.51 -9.12 21.77
C ILE A 560 -29.58 -10.38 22.62
N ALA A 561 -30.79 -10.84 22.94
CA ALA A 561 -30.94 -12.02 23.77
C ALA A 561 -30.57 -13.30 23.04
N SER A 562 -30.48 -13.26 21.70
CA SER A 562 -30.17 -14.45 20.93
C SER A 562 -28.73 -14.93 21.11
N GLU A 563 -27.86 -14.12 21.72
CA GLU A 563 -26.46 -14.51 21.95
C GLU A 563 -26.12 -14.51 23.43
N ARG A 564 -27.09 -14.82 24.29
CA ARG A 564 -26.89 -14.78 25.72
C ARG A 564 -27.12 -16.12 26.41
N LYS A 565 -27.31 -17.20 25.65
CA LYS A 565 -27.57 -18.55 26.14
C LYS A 565 -28.92 -18.62 26.85
N ASN A 566 -29.65 -17.51 26.94
CA ASN A 566 -30.84 -17.40 27.78
C ASN A 566 -32.06 -17.94 27.02
N ASN A 567 -32.13 -19.27 26.95
CA ASN A 567 -33.15 -19.93 26.14
C ASN A 567 -34.55 -19.72 26.74
N ASP A 568 -34.75 -20.15 27.98
CA ASP A 568 -36.09 -20.11 28.56
C ASP A 568 -36.61 -18.69 28.68
N PHE A 569 -35.73 -17.72 28.91
CA PHE A 569 -36.16 -16.33 28.95
C PHE A 569 -36.62 -15.86 27.57
N VAL A 570 -35.94 -16.28 26.51
CA VAL A 570 -36.41 -16.00 25.16
C VAL A 570 -37.77 -16.64 24.94
N LYS A 571 -37.95 -17.87 25.42
CA LYS A 571 -39.25 -18.53 25.35
C LYS A 571 -40.33 -17.67 26.00
N PHE A 572 -40.08 -17.24 27.24
CA PHE A 572 -41.08 -16.53 28.02
C PHE A 572 -41.27 -15.09 27.57
N LEU A 573 -40.39 -14.55 26.72
CA LEU A 573 -40.61 -13.22 26.15
C LEU A 573 -41.07 -13.28 24.70
N LEU A 574 -41.11 -14.48 24.10
CA LEU A 574 -41.51 -14.59 22.70
C LEU A 574 -43.02 -14.61 22.50
N GLU A 575 -43.80 -15.00 23.52
CA GLU A 575 -45.24 -15.16 23.33
C GLU A 575 -45.91 -13.87 22.90
N LYS A 576 -45.28 -12.72 23.16
CA LYS A 576 -45.85 -11.44 22.77
C LYS A 576 -45.88 -11.23 21.27
N GLY A 577 -45.21 -12.07 20.49
CA GLY A 577 -45.31 -12.02 19.05
C GLY A 577 -44.49 -10.93 18.41
N ALA A 578 -43.19 -10.89 18.70
CA ALA A 578 -42.32 -9.94 18.05
C ALA A 578 -42.08 -10.34 16.60
N ASP A 579 -41.66 -9.37 15.79
CA ASP A 579 -41.34 -9.65 14.41
C ASP A 579 -40.16 -10.61 14.33
N VAL A 580 -40.20 -11.48 13.32
CA VAL A 580 -39.22 -12.55 13.19
C VAL A 580 -38.37 -12.41 11.93
N ASN A 581 -38.66 -11.44 11.07
CA ASN A 581 -37.81 -11.11 9.94
C ASN A 581 -37.15 -9.75 10.12
N VAL A 582 -37.26 -9.16 11.31
CA VAL A 582 -36.62 -7.89 11.59
C VAL A 582 -35.10 -8.06 11.58
N ARG A 583 -34.41 -7.00 11.18
CA ARG A 583 -32.96 -7.03 11.06
C ARG A 583 -32.38 -5.79 11.73
N THR A 584 -31.06 -5.72 11.78
CA THR A 584 -30.33 -4.59 12.32
C THR A 584 -30.03 -3.60 11.20
N PHE A 585 -29.64 -2.38 11.59
CA PHE A 585 -29.52 -1.29 10.62
C PHE A 585 -28.32 -1.51 9.70
N ALA A 586 -27.12 -1.52 10.26
CA ALA A 586 -25.92 -1.77 9.49
C ALA A 586 -25.55 -3.24 9.57
N ASN A 587 -25.25 -3.85 8.42
CA ASN A 587 -25.01 -5.29 8.32
C ASN A 587 -26.23 -6.06 8.82
N GLU A 588 -27.33 -5.89 8.08
CA GLU A 588 -28.62 -6.42 8.49
C GLU A 588 -28.54 -7.90 8.81
N LEU A 589 -29.07 -8.29 9.97
CA LEU A 589 -29.08 -9.68 10.39
C LEU A 589 -30.30 -9.95 11.25
N THR A 590 -30.92 -11.11 11.01
CA THR A 590 -31.98 -11.61 11.87
C THR A 590 -31.40 -12.24 13.12
N PRO A 591 -32.19 -12.39 14.18
CA PRO A 591 -31.68 -13.12 15.36
C PRO A 591 -31.30 -14.55 15.03
N LEU A 592 -31.97 -15.16 14.05
CA LEU A 592 -31.57 -16.47 13.57
C LEU A 592 -30.17 -16.41 12.95
N HIS A 593 -29.90 -15.36 12.17
CA HIS A 593 -28.57 -15.18 11.58
C HIS A 593 -27.52 -15.09 12.67
N LEU A 594 -27.77 -14.25 13.68
CA LEU A 594 -26.74 -13.97 14.68
C LEU A 594 -26.56 -15.11 15.66
N ALA A 595 -27.60 -15.92 15.87
CA ALA A 595 -27.50 -17.03 16.82
C ALA A 595 -26.54 -18.10 16.35
N ALA A 596 -26.29 -18.18 15.04
CA ALA A 596 -25.54 -19.28 14.47
C ALA A 596 -24.10 -19.34 14.97
N ARG A 597 -23.42 -18.20 15.07
CA ARG A 597 -22.01 -18.22 15.49
C ARG A 597 -21.85 -18.67 16.93
N GLN A 598 -22.76 -18.25 17.81
CA GLN A 598 -22.63 -18.53 19.24
C GLN A 598 -23.04 -19.94 19.63
N ASP A 599 -23.30 -20.82 18.66
CA ASP A 599 -23.41 -22.26 18.92
C ASP A 599 -24.57 -22.58 19.85
N PHE A 600 -25.68 -21.85 19.72
CA PHE A 600 -26.81 -22.04 20.62
C PHE A 600 -27.88 -22.87 19.90
N THR A 601 -27.74 -24.19 20.00
CA THR A 601 -28.74 -25.09 19.42
C THR A 601 -30.09 -24.95 20.10
N ILE A 602 -30.10 -24.81 21.43
CA ILE A 602 -31.35 -24.67 22.16
C ILE A 602 -32.09 -23.40 21.73
N ILE A 603 -31.34 -22.31 21.55
CA ILE A 603 -31.97 -21.04 21.18
C ILE A 603 -32.52 -21.10 19.76
N VAL A 604 -31.76 -21.64 18.82
CA VAL A 604 -32.24 -21.72 17.45
C VAL A 604 -33.45 -22.65 17.36
N LYS A 605 -33.46 -23.71 18.17
CA LYS A 605 -34.67 -24.51 18.31
C LYS A 605 -35.83 -23.64 18.77
N THR A 606 -35.71 -23.07 19.97
CA THR A 606 -36.72 -22.15 20.50
C THR A 606 -37.29 -21.24 19.42
N LEU A 607 -36.40 -20.69 18.58
CA LEU A 607 -36.88 -19.88 17.46
C LEU A 607 -37.65 -20.70 16.43
N MET A 608 -37.16 -21.89 16.07
CA MET A 608 -37.75 -22.58 14.92
C MET A 608 -39.08 -23.27 15.23
N GLU A 609 -39.35 -23.65 16.48
CA GLU A 609 -40.65 -24.27 16.80
C GLU A 609 -41.65 -23.28 17.40
N LYS A 610 -41.75 -22.05 16.88
CA LYS A 610 -42.78 -21.13 17.35
C LYS A 610 -43.88 -20.87 16.32
N ARG A 611 -43.52 -20.38 15.13
CA ARG A 611 -44.53 -19.90 14.19
C ARG A 611 -44.41 -20.55 12.81
N GLY A 612 -43.20 -20.78 12.32
CA GLY A 612 -43.00 -21.05 10.92
C GLY A 612 -42.13 -19.97 10.33
N ILE A 613 -41.24 -19.45 11.17
CA ILE A 613 -40.41 -18.30 10.82
C ILE A 613 -39.54 -18.62 9.62
N ASP A 614 -39.30 -17.61 8.79
CA ASP A 614 -38.36 -17.72 7.68
C ASP A 614 -37.00 -18.16 8.21
N VAL A 615 -36.40 -19.15 7.55
CA VAL A 615 -35.10 -19.66 7.93
C VAL A 615 -34.04 -19.35 6.88
N ASN A 616 -34.42 -19.39 5.60
CA ASN A 616 -33.50 -19.12 4.51
C ASN A 616 -33.45 -17.64 4.14
N ALA A 617 -33.82 -16.77 5.08
CA ALA A 617 -33.73 -15.33 4.84
C ALA A 617 -32.27 -14.92 4.69
N LYS A 618 -32.03 -13.92 3.83
CA LYS A 618 -30.69 -13.45 3.57
C LYS A 618 -30.34 -12.30 4.52
N GLU A 619 -29.17 -11.71 4.31
CA GLU A 619 -28.68 -10.62 5.15
C GLU A 619 -27.94 -9.64 4.26
N ARG A 620 -27.14 -8.75 4.87
CA ARG A 620 -26.48 -7.69 4.11
C ARG A 620 -25.61 -8.25 2.99
N ALA A 621 -24.81 -9.26 3.30
CA ALA A 621 -23.96 -9.90 2.29
C ALA A 621 -24.65 -11.09 1.64
N GLY A 622 -25.95 -11.25 1.85
CA GLY A 622 -26.69 -12.35 1.26
C GLY A 622 -26.32 -13.70 1.84
N PHE A 623 -26.45 -13.85 3.15
CA PHE A 623 -26.10 -15.08 3.85
C PHE A 623 -27.28 -15.56 4.67
N THR A 624 -27.37 -16.87 4.83
CA THR A 624 -28.35 -17.52 5.68
C THR A 624 -27.73 -17.86 7.02
N PRO A 625 -28.55 -18.09 8.05
CA PRO A 625 -27.99 -18.52 9.34
C PRO A 625 -27.24 -19.84 9.25
N LEU A 626 -27.49 -20.64 8.22
CA LEU A 626 -26.74 -21.87 8.04
C LEU A 626 -25.26 -21.58 7.80
N HIS A 627 -24.97 -20.54 7.01
CA HIS A 627 -23.58 -20.20 6.71
C HIS A 627 -22.80 -19.85 7.97
N LEU A 628 -23.43 -19.11 8.87
CA LEU A 628 -22.75 -18.58 10.06
C LEU A 628 -22.59 -19.59 11.18
N SER A 629 -22.76 -20.89 10.96
CA SER A 629 -22.77 -21.85 12.05
C SER A 629 -21.53 -22.73 12.10
N ILE A 630 -20.79 -22.86 11.00
CA ILE A 630 -19.80 -23.91 10.86
C ILE A 630 -18.56 -23.65 11.71
N THR A 631 -18.16 -22.39 11.88
CA THR A 631 -17.04 -22.08 12.75
C THR A 631 -17.29 -22.50 14.18
N SER A 632 -18.55 -22.50 14.62
CA SER A 632 -18.87 -22.99 15.96
C SER A 632 -18.45 -24.44 16.14
N ASN A 633 -18.29 -25.18 15.04
CA ASN A 633 -17.79 -26.55 15.01
C ASN A 633 -18.39 -27.41 16.12
N SER A 634 -19.71 -27.29 16.28
CA SER A 634 -20.45 -28.16 17.18
C SER A 634 -21.87 -28.32 16.64
N ARG A 635 -22.75 -28.85 17.50
CA ARG A 635 -24.03 -29.40 17.09
C ARG A 635 -25.00 -28.40 16.46
N ALA A 636 -24.60 -27.13 16.36
CA ALA A 636 -25.50 -26.11 15.82
C ALA A 636 -25.94 -26.42 14.39
N ALA A 637 -24.98 -26.45 13.46
CA ALA A 637 -25.31 -26.73 12.06
C ALA A 637 -25.81 -28.15 11.89
N ARG A 638 -25.19 -29.11 12.58
CA ARG A 638 -25.62 -30.50 12.48
C ARG A 638 -27.09 -30.64 12.87
N THR A 639 -27.55 -29.80 13.78
CA THR A 639 -28.96 -29.78 14.14
C THR A 639 -29.79 -29.07 13.07
N LEU A 640 -29.36 -27.87 12.69
CA LEU A 640 -30.15 -27.05 11.78
C LEU A 640 -30.35 -27.68 10.42
N ILE A 641 -29.47 -28.61 10.01
CA ILE A 641 -29.63 -29.22 8.68
C ILE A 641 -30.95 -29.97 8.59
N ASN A 642 -31.24 -30.84 9.56
CA ASN A 642 -32.28 -31.84 9.39
C ASN A 642 -33.51 -31.62 10.27
N GLU A 643 -33.45 -30.71 11.24
CA GLU A 643 -34.62 -30.49 12.09
C GLU A 643 -35.68 -29.63 11.42
N THR A 644 -35.37 -28.97 10.32
CA THR A 644 -36.33 -28.12 9.62
C THR A 644 -35.86 -27.87 8.19
N PRO A 645 -36.78 -27.70 7.24
CA PRO A 645 -36.37 -27.27 5.91
C PRO A 645 -35.68 -25.91 5.98
N ALA A 646 -34.65 -25.74 5.17
CA ALA A 646 -33.85 -24.53 5.20
C ALA A 646 -33.13 -24.37 3.87
N GLY A 647 -32.42 -23.25 3.74
CA GLY A 647 -31.67 -22.97 2.54
C GLY A 647 -30.41 -23.81 2.43
N ILE A 648 -30.58 -25.11 2.19
CA ILE A 648 -29.44 -26.02 2.18
C ILE A 648 -28.48 -25.68 1.04
N ASN A 649 -29.02 -25.31 -0.12
CA ASN A 649 -28.22 -24.94 -1.29
C ASN A 649 -28.81 -23.68 -1.88
N ILE A 650 -28.35 -22.53 -1.38
CA ILE A 650 -28.81 -21.22 -1.86
C ILE A 650 -27.59 -20.43 -2.30
N LYS A 651 -27.64 -19.89 -3.51
CA LYS A 651 -26.56 -19.08 -4.06
C LYS A 651 -26.48 -17.78 -3.27
N SER A 652 -25.47 -17.67 -2.42
CA SER A 652 -25.27 -16.45 -1.65
C SER A 652 -24.76 -15.33 -2.55
N ASN A 653 -24.90 -14.09 -2.07
CA ASN A 653 -24.37 -12.96 -2.81
C ASN A 653 -22.86 -13.05 -2.98
N SER A 654 -22.16 -13.45 -1.90
CA SER A 654 -20.73 -13.70 -2.00
C SER A 654 -20.42 -15.00 -2.72
N GLY A 655 -21.43 -15.81 -3.03
CA GLY A 655 -21.20 -17.08 -3.68
C GLY A 655 -20.73 -18.18 -2.76
N LEU A 656 -20.87 -17.98 -1.45
CA LEU A 656 -20.39 -18.93 -0.45
C LEU A 656 -21.56 -19.74 0.09
N THR A 657 -21.40 -21.06 0.11
CA THR A 657 -22.40 -22.00 0.61
C THR A 657 -21.83 -22.73 1.81
N PRO A 658 -22.68 -23.40 2.59
CA PRO A 658 -22.17 -24.17 3.72
C PRO A 658 -21.08 -25.15 3.35
N LEU A 659 -21.12 -25.73 2.15
CA LEU A 659 -20.04 -26.59 1.70
C LEU A 659 -18.73 -25.82 1.63
N HIS A 660 -18.77 -24.62 1.04
CA HIS A 660 -17.56 -23.81 0.91
C HIS A 660 -16.98 -23.48 2.29
N LEU A 661 -17.82 -23.02 3.21
CA LEU A 661 -17.33 -22.67 4.54
C LEU A 661 -16.80 -23.90 5.26
N ALA A 662 -17.53 -25.01 5.18
CA ALA A 662 -17.06 -26.25 5.80
C ALA A 662 -15.68 -26.63 5.28
N VAL A 663 -15.43 -26.38 3.99
CA VAL A 663 -14.10 -26.61 3.45
C VAL A 663 -13.09 -25.64 4.06
N LEU A 664 -13.45 -24.35 4.11
CA LEU A 664 -12.50 -23.33 4.53
C LEU A 664 -12.10 -23.49 6.00
N GLN A 665 -13.06 -23.37 6.92
CA GLN A 665 -12.68 -23.39 8.34
C GLN A 665 -12.28 -24.77 8.83
N ASN A 666 -12.05 -25.73 7.94
CA ASN A 666 -11.50 -27.04 8.31
C ASN A 666 -12.41 -27.74 9.32
N ASN A 667 -13.71 -27.75 9.01
CA ASN A 667 -14.71 -28.41 9.85
C ASN A 667 -15.11 -29.69 9.14
N LEU A 668 -14.52 -30.81 9.55
CA LEU A 668 -14.78 -32.09 8.90
C LEU A 668 -16.14 -32.65 9.29
N SER A 669 -16.50 -32.56 10.57
CA SER A 669 -17.77 -33.12 11.03
C SER A 669 -18.96 -32.45 10.35
N ALA A 670 -18.89 -31.13 10.17
CA ALA A 670 -19.96 -30.42 9.47
C ALA A 670 -20.07 -30.90 8.03
N ALA A 671 -18.93 -31.11 7.36
CA ALA A 671 -18.97 -31.66 6.01
C ALA A 671 -19.58 -33.05 6.01
N LYS A 672 -19.22 -33.88 6.98
CA LYS A 672 -19.77 -35.22 7.06
C LYS A 672 -21.29 -35.19 7.21
N VAL A 673 -21.79 -34.37 8.13
CA VAL A 673 -23.23 -34.34 8.36
C VAL A 673 -23.96 -33.72 7.18
N LEU A 674 -23.33 -32.76 6.50
CA LEU A 674 -23.94 -32.20 5.30
C LEU A 674 -24.04 -33.23 4.19
N VAL A 675 -23.00 -34.06 4.03
CA VAL A 675 -23.06 -35.12 3.03
C VAL A 675 -24.11 -36.17 3.41
N LYS A 676 -24.18 -36.53 4.69
CA LYS A 676 -25.09 -37.58 5.12
C LYS A 676 -26.56 -37.17 5.02
N SER A 677 -26.84 -35.88 4.85
CA SER A 677 -28.22 -35.46 4.65
C SER A 677 -28.80 -36.03 3.36
N ASN A 678 -27.98 -36.13 2.31
CA ASN A 678 -28.35 -36.74 1.04
C ASN A 678 -29.54 -36.02 0.39
N LYS A 679 -29.75 -34.75 0.72
CA LYS A 679 -30.78 -33.95 0.08
C LYS A 679 -30.25 -33.42 -1.24
N LYS A 680 -30.96 -32.45 -1.81
CA LYS A 680 -30.54 -31.86 -3.08
C LYS A 680 -29.33 -30.95 -2.86
N VAL A 681 -28.19 -31.54 -2.52
CA VAL A 681 -26.96 -30.78 -2.26
C VAL A 681 -26.11 -30.87 -3.51
N LYS A 682 -26.27 -29.88 -4.39
CA LYS A 682 -25.43 -29.81 -5.58
C LYS A 682 -23.98 -29.56 -5.19
N LEU A 683 -23.07 -30.19 -5.92
CA LEU A 683 -21.65 -30.16 -5.58
C LEU A 683 -20.84 -29.18 -6.41
N ASN A 684 -21.22 -28.94 -7.66
CA ASN A 684 -20.47 -28.08 -8.57
C ASN A 684 -21.09 -26.69 -8.69
N GLU A 685 -21.71 -26.19 -7.62
CA GLU A 685 -22.31 -24.87 -7.65
C GLU A 685 -21.22 -23.81 -7.63
N MET A 686 -21.20 -22.97 -8.66
CA MET A 686 -20.13 -22.00 -8.81
C MET A 686 -20.30 -20.85 -7.81
N ASP A 687 -19.18 -20.24 -7.43
CA ASP A 687 -19.21 -19.06 -6.59
C ASP A 687 -19.11 -17.81 -7.48
N ASN A 688 -18.99 -16.63 -6.87
CA ASN A 688 -18.76 -15.43 -7.66
C ASN A 688 -17.41 -15.49 -8.38
N ASN A 689 -16.38 -15.96 -7.70
CA ASN A 689 -15.05 -16.04 -8.31
C ASN A 689 -15.05 -17.01 -9.48
N GLY A 690 -15.57 -18.22 -9.27
CA GLY A 690 -15.58 -19.20 -10.34
C GLY A 690 -14.79 -20.45 -10.03
N MET A 691 -14.78 -20.88 -8.77
CA MET A 691 -14.08 -22.09 -8.39
C MET A 691 -14.70 -22.70 -7.14
N THR A 692 -14.76 -24.02 -7.11
CA THR A 692 -15.58 -24.84 -6.23
C THR A 692 -14.91 -25.12 -4.88
N PRO A 693 -15.67 -25.62 -3.90
CA PRO A 693 -15.07 -25.90 -2.58
C PRO A 693 -13.91 -26.87 -2.63
N LEU A 694 -13.92 -27.86 -3.51
CA LEU A 694 -12.78 -28.75 -3.65
C LEU A 694 -11.52 -27.97 -3.98
N HIS A 695 -11.67 -26.89 -4.76
CA HIS A 695 -10.53 -26.06 -5.10
C HIS A 695 -9.97 -25.35 -3.88
N TYR A 696 -10.85 -24.85 -3.00
CA TYR A 696 -10.37 -24.28 -1.74
C TYR A 696 -9.67 -25.35 -0.89
N ALA A 697 -10.23 -26.55 -0.85
CA ALA A 697 -9.63 -27.61 -0.05
C ALA A 697 -8.22 -27.94 -0.54
N SER A 698 -8.05 -27.99 -1.87
CA SER A 698 -6.72 -28.23 -2.42
C SER A 698 -5.78 -27.05 -2.13
N MET A 699 -6.26 -25.83 -2.33
CA MET A 699 -5.41 -24.66 -2.17
C MET A 699 -4.91 -24.53 -0.73
N LEU A 700 -5.79 -24.71 0.25
CA LEU A 700 -5.36 -24.67 1.64
C LEU A 700 -4.44 -25.84 1.97
N GLY A 701 -4.46 -26.91 1.17
CA GLY A 701 -3.64 -28.06 1.43
C GLY A 701 -4.07 -28.84 2.66
N ASN A 702 -5.26 -29.43 2.60
CA ASN A 702 -5.77 -30.25 3.69
C ASN A 702 -5.98 -31.66 3.17
N LEU A 703 -5.19 -32.61 3.69
CA LEU A 703 -5.18 -33.95 3.14
C LEU A 703 -6.53 -34.65 3.33
N GLU A 704 -7.03 -34.64 4.57
CA GLU A 704 -8.22 -35.44 4.88
C GLU A 704 -9.43 -34.97 4.09
N PHE A 705 -9.57 -33.65 3.90
CA PHE A 705 -10.71 -33.15 3.14
C PHE A 705 -10.65 -33.62 1.69
N VAL A 706 -9.46 -33.63 1.09
CA VAL A 706 -9.34 -34.02 -0.31
C VAL A 706 -9.74 -35.49 -0.49
N LYS A 707 -9.20 -36.37 0.35
CA LYS A 707 -9.51 -37.78 0.23
C LYS A 707 -10.98 -38.04 0.55
N TYR A 708 -11.53 -37.36 1.55
CA TYR A 708 -12.94 -37.52 1.86
C TYR A 708 -13.82 -37.11 0.70
N PHE A 709 -13.48 -35.99 0.06
CA PHE A 709 -14.27 -35.52 -1.09
C PHE A 709 -14.14 -36.49 -2.26
N THR A 710 -12.94 -37.03 -2.49
CA THR A 710 -12.77 -37.94 -3.61
C THR A 710 -13.47 -39.28 -3.36
N SER A 711 -13.61 -39.68 -2.09
CA SER A 711 -14.18 -40.99 -1.79
C SER A 711 -15.70 -40.92 -1.62
N GLU A 712 -16.17 -40.06 -0.72
CA GLU A 712 -17.56 -40.10 -0.27
C GLU A 712 -18.54 -39.82 -1.40
N GLN A 713 -18.48 -38.60 -1.96
CA GLN A 713 -19.52 -38.19 -2.90
C GLN A 713 -19.51 -39.04 -4.16
N GLY A 714 -18.34 -39.35 -4.70
CA GLY A 714 -18.25 -40.03 -5.97
C GLY A 714 -18.78 -39.23 -7.13
N ILE A 715 -19.02 -37.94 -6.93
CA ILE A 715 -19.61 -37.08 -7.96
C ILE A 715 -18.89 -35.73 -7.92
N ASP A 716 -18.56 -35.20 -9.10
CA ASP A 716 -17.95 -33.88 -9.24
C ASP A 716 -16.63 -33.80 -8.48
N VAL A 717 -15.67 -34.59 -8.96
CA VAL A 717 -14.35 -34.67 -8.34
C VAL A 717 -13.27 -34.01 -9.17
N ASN A 718 -13.53 -33.68 -10.43
CA ASN A 718 -12.57 -32.97 -11.26
C ASN A 718 -13.29 -32.35 -12.44
N ALA A 719 -13.12 -31.05 -12.62
CA ALA A 719 -13.76 -30.33 -13.72
C ALA A 719 -13.08 -28.98 -13.89
N LYS A 720 -13.28 -28.38 -15.06
CA LYS A 720 -12.75 -27.06 -15.33
C LYS A 720 -13.50 -26.00 -14.55
N THR A 721 -12.82 -24.88 -14.30
CA THR A 721 -13.43 -23.76 -13.59
C THR A 721 -14.14 -22.85 -14.59
N LYS A 722 -14.54 -21.66 -14.12
CA LYS A 722 -15.43 -20.80 -14.89
C LYS A 722 -14.69 -20.08 -16.01
N VAL A 723 -13.65 -19.31 -15.68
CA VAL A 723 -13.05 -18.41 -16.64
C VAL A 723 -11.91 -19.08 -17.40
N LYS A 724 -10.90 -19.57 -16.70
CA LYS A 724 -9.72 -20.15 -17.34
C LYS A 724 -9.40 -21.55 -16.84
N ASN A 725 -10.38 -22.26 -16.30
CA ASN A 725 -10.36 -23.72 -16.21
C ASN A 725 -9.23 -24.26 -15.34
N TRP A 726 -9.21 -23.87 -14.06
CA TRP A 726 -8.27 -24.47 -13.13
C TRP A 726 -8.76 -25.84 -12.68
N THR A 727 -7.92 -26.54 -11.94
CA THR A 727 -8.25 -27.79 -11.27
C THR A 727 -7.70 -27.71 -9.86
N PRO A 728 -8.26 -28.49 -8.93
CA PRO A 728 -7.65 -28.54 -7.58
C PRO A 728 -6.19 -28.94 -7.61
N LEU A 729 -5.82 -29.84 -8.51
CA LEU A 729 -4.42 -30.22 -8.65
C LEU A 729 -3.56 -29.02 -9.03
N HIS A 730 -4.06 -28.17 -9.94
CA HIS A 730 -3.32 -26.98 -10.31
C HIS A 730 -3.06 -26.09 -9.11
N LEU A 731 -4.08 -25.86 -8.30
CA LEU A 731 -3.92 -25.02 -7.10
C LEU A 731 -2.92 -25.65 -6.14
N ALA A 732 -3.00 -26.97 -5.97
CA ALA A 732 -2.07 -27.66 -5.07
C ALA A 732 -0.63 -27.49 -5.53
N ILE A 733 -0.39 -27.58 -6.84
CA ILE A 733 0.97 -27.41 -7.35
C ILE A 733 1.43 -25.97 -7.18
N LEU A 734 0.57 -25.01 -7.54
CA LEU A 734 0.96 -23.60 -7.44
C LEU A 734 1.33 -23.22 -6.02
N PHE A 735 0.54 -23.64 -5.03
CA PHE A 735 0.80 -23.24 -3.66
C PHE A 735 1.77 -24.18 -2.95
N LYS A 736 2.64 -24.85 -3.70
CA LYS A 736 3.75 -25.64 -3.14
C LYS A 736 3.23 -26.67 -2.12
N LYS A 737 2.11 -27.29 -2.44
CA LYS A 737 1.55 -28.37 -1.65
C LYS A 737 1.68 -29.65 -2.47
N PHE A 738 2.55 -30.55 -2.02
CA PHE A 738 2.93 -31.73 -2.80
C PHE A 738 2.14 -32.97 -2.42
N ASP A 739 2.20 -33.36 -1.13
CA ASP A 739 1.57 -34.59 -0.68
C ASP A 739 0.13 -34.66 -1.13
N VAL A 740 -0.57 -33.53 -1.01
CA VAL A 740 -1.93 -33.44 -1.52
C VAL A 740 -1.95 -33.69 -3.03
N ALA A 741 -0.91 -33.21 -3.74
CA ALA A 741 -0.89 -33.38 -5.18
C ALA A 741 -0.81 -34.85 -5.58
N GLN A 742 0.18 -35.59 -5.05
CA GLN A 742 0.23 -36.99 -5.49
C GLN A 742 -0.93 -37.78 -4.91
N SER A 743 -1.46 -37.39 -3.75
CA SER A 743 -2.65 -38.06 -3.24
C SER A 743 -3.82 -37.89 -4.22
N LEU A 744 -4.00 -36.67 -4.73
CA LEU A 744 -5.07 -36.41 -5.69
C LEU A 744 -4.83 -37.16 -6.99
N LEU A 745 -3.57 -37.34 -7.38
CA LEU A 745 -3.30 -38.20 -8.53
C LEU A 745 -3.70 -39.64 -8.27
N GLN A 746 -3.39 -40.17 -7.09
CA GLN A 746 -3.59 -41.60 -6.87
C GLN A 746 -5.00 -41.96 -6.42
N VAL A 747 -5.82 -41.00 -5.99
CA VAL A 747 -7.19 -41.33 -5.57
C VAL A 747 -8.05 -41.73 -6.77
N ARG A 748 -7.96 -40.98 -7.86
CA ARG A 748 -8.86 -41.20 -8.99
C ARG A 748 -8.24 -40.61 -10.23
N ASN A 749 -8.70 -41.07 -11.39
CA ASN A 749 -8.19 -40.61 -12.69
C ASN A 749 -8.52 -39.14 -12.87
N ILE A 750 -7.48 -38.31 -13.01
CA ILE A 750 -7.62 -36.91 -13.34
C ILE A 750 -6.90 -36.70 -14.66
N ASP A 751 -7.59 -36.13 -15.64
CA ASP A 751 -7.03 -36.00 -16.98
C ASP A 751 -5.80 -35.10 -16.95
N ILE A 752 -4.76 -35.53 -17.66
CA ILE A 752 -3.53 -34.75 -17.77
C ILE A 752 -3.57 -33.83 -18.99
N SER A 753 -4.35 -34.15 -20.01
CA SER A 753 -4.51 -33.34 -21.22
C SER A 753 -5.34 -32.11 -20.98
N THR A 754 -5.58 -31.74 -19.73
CA THR A 754 -6.36 -30.55 -19.41
C THR A 754 -5.78 -29.32 -20.08
N ARG A 755 -6.63 -28.31 -20.26
CA ARG A 755 -6.27 -27.12 -21.02
C ARG A 755 -6.36 -25.87 -20.16
N ALA A 756 -5.78 -25.91 -18.96
CA ALA A 756 -5.75 -24.75 -18.08
C ALA A 756 -5.14 -23.55 -18.80
N ASP A 757 -5.34 -22.35 -18.25
CA ASP A 757 -5.02 -21.10 -18.95
C ASP A 757 -3.70 -21.16 -19.68
N GLN A 758 -3.73 -20.75 -20.96
CA GLN A 758 -2.58 -20.88 -21.86
C GLN A 758 -2.17 -22.34 -22.01
N ALA A 759 -3.17 -23.22 -22.09
CA ALA A 759 -2.97 -24.66 -22.34
C ALA A 759 -2.00 -25.27 -21.33
N ILE A 760 -2.00 -24.76 -20.11
CA ILE A 760 -1.03 -25.20 -19.11
C ILE A 760 -1.45 -26.59 -18.62
N THR A 761 -0.68 -27.59 -18.99
CA THR A 761 -0.76 -28.90 -18.37
C THR A 761 -0.04 -28.85 -17.02
N PRO A 762 -0.42 -29.71 -16.06
CA PRO A 762 0.26 -29.65 -14.76
C PRO A 762 1.65 -30.25 -14.76
N LEU A 763 2.13 -30.81 -15.88
CA LEU A 763 3.54 -31.18 -15.99
C LEU A 763 4.43 -29.95 -15.86
N HIS A 764 4.06 -28.85 -16.53
CA HIS A 764 4.84 -27.62 -16.42
C HIS A 764 4.86 -27.12 -14.98
N LEU A 765 3.71 -27.18 -14.32
CA LEU A 765 3.61 -26.72 -12.94
C LEU A 765 4.47 -27.59 -12.03
N ALA A 766 4.43 -28.91 -12.25
CA ALA A 766 5.23 -29.83 -11.45
C ALA A 766 6.71 -29.57 -11.65
N ALA A 767 7.12 -29.30 -12.90
CA ALA A 767 8.50 -28.94 -13.16
C ALA A 767 8.87 -27.65 -12.43
N ALA A 768 7.95 -26.68 -12.43
CA ALA A 768 8.19 -25.42 -11.73
C ALA A 768 8.44 -25.66 -10.26
N THR A 769 7.61 -26.49 -9.62
CA THR A 769 7.85 -26.82 -8.23
C THR A 769 9.17 -27.57 -8.04
N GLY A 770 9.48 -28.49 -8.95
CA GLY A 770 10.72 -29.22 -8.84
C GLY A 770 10.67 -30.35 -7.82
N ASN A 771 9.80 -31.34 -8.05
CA ASN A 771 9.73 -32.53 -7.22
C ASN A 771 9.88 -33.75 -8.12
N SER A 772 10.97 -34.49 -7.94
CA SER A 772 11.29 -35.58 -8.86
C SER A 772 10.21 -36.67 -8.82
N GLN A 773 9.76 -37.04 -7.62
CA GLN A 773 8.75 -38.09 -7.52
C GLN A 773 7.44 -37.67 -8.15
N ILE A 774 7.03 -36.41 -7.97
CA ILE A 774 5.77 -35.96 -8.54
C ILE A 774 5.82 -36.01 -10.06
N VAL A 775 6.90 -35.49 -10.65
CA VAL A 775 6.99 -35.46 -12.10
C VAL A 775 7.13 -36.86 -12.67
N LYS A 776 7.88 -37.73 -11.99
CA LYS A 776 8.02 -39.10 -12.48
C LYS A 776 6.70 -39.84 -12.41
N THR A 777 5.90 -39.59 -11.36
CA THR A 777 4.58 -40.20 -11.28
C THR A 777 3.66 -39.67 -12.37
N ILE A 778 3.73 -38.37 -12.66
CA ILE A 778 2.89 -37.78 -13.69
C ILE A 778 3.23 -38.38 -15.05
N LEU A 779 4.52 -38.50 -15.36
CA LEU A 779 4.92 -39.12 -16.61
C LEU A 779 4.53 -40.60 -16.64
N ASN A 780 4.63 -41.30 -15.50
CA ASN A 780 4.15 -42.67 -15.44
C ASN A 780 2.66 -42.77 -15.68
N SER A 781 1.92 -41.67 -15.49
CA SER A 781 0.50 -41.64 -15.76
C SER A 781 0.17 -41.41 -17.23
N GLY A 782 1.15 -41.57 -18.12
CA GLY A 782 0.90 -41.35 -19.54
C GLY A 782 0.83 -39.91 -19.95
N ALA A 783 1.50 -39.02 -19.21
CA ALA A 783 1.48 -37.60 -19.54
C ALA A 783 2.29 -37.32 -20.79
N VAL A 784 1.96 -36.20 -21.44
CA VAL A 784 2.75 -35.73 -22.58
C VAL A 784 4.13 -35.33 -22.08
N VAL A 785 5.13 -35.45 -22.95
CA VAL A 785 6.51 -35.20 -22.57
C VAL A 785 7.00 -33.82 -23.01
N ASP A 786 6.57 -33.32 -24.16
CA ASP A 786 7.13 -32.10 -24.74
C ASP A 786 6.03 -31.20 -25.28
N GLN A 787 4.94 -31.03 -24.52
CA GLN A 787 3.85 -30.17 -24.95
C GLN A 787 4.22 -28.71 -24.70
N GLU A 788 4.41 -27.96 -25.78
CA GLU A 788 4.69 -26.54 -25.67
C GLU A 788 3.41 -25.78 -25.37
N THR A 789 3.48 -24.87 -24.40
CA THR A 789 2.30 -24.14 -23.96
C THR A 789 1.94 -23.06 -24.98
N ALA A 790 0.81 -22.40 -24.73
CA ALA A 790 0.34 -21.35 -25.64
C ALA A 790 1.34 -20.21 -25.76
N ASN A 791 2.20 -20.02 -24.76
CA ASN A 791 3.28 -19.05 -24.82
C ASN A 791 4.53 -19.62 -25.46
N GLY A 792 4.49 -20.87 -25.91
CA GLY A 792 5.64 -21.50 -26.54
C GLY A 792 6.66 -22.07 -25.59
N PHE A 793 6.31 -22.29 -24.33
CA PHE A 793 7.23 -22.80 -23.32
C PHE A 793 6.93 -24.27 -23.03
N THR A 794 7.99 -25.04 -22.84
CA THR A 794 7.89 -26.42 -22.36
C THR A 794 8.42 -26.49 -20.94
N ALA A 795 8.21 -27.64 -20.30
CA ALA A 795 8.62 -27.77 -18.90
C ALA A 795 10.14 -27.77 -18.76
N LEU A 796 10.87 -28.01 -19.85
CA LEU A 796 12.32 -28.12 -19.75
C LEU A 796 12.95 -26.79 -19.36
N HIS A 797 12.60 -25.71 -20.07
CA HIS A 797 13.15 -24.40 -19.74
C HIS A 797 12.87 -24.05 -18.29
N LEU A 798 11.60 -24.12 -17.90
CA LEU A 798 11.19 -23.72 -16.57
C LEU A 798 11.88 -24.56 -15.51
N ALA A 799 12.03 -25.86 -15.76
CA ALA A 799 12.78 -26.72 -14.85
C ALA A 799 14.21 -26.24 -14.72
N ILE A 800 14.81 -25.80 -15.83
CA ILE A 800 16.16 -25.28 -15.77
C ILE A 800 16.22 -24.04 -14.88
N MET A 801 15.25 -23.13 -15.04
CA MET A 801 15.20 -21.98 -14.12
C MET A 801 14.90 -22.38 -12.69
N ASN A 802 14.39 -23.58 -12.45
CA ASN A 802 14.25 -23.98 -11.06
C ASN A 802 15.60 -24.36 -10.47
N PRO A 803 15.80 -24.13 -9.17
CA PRO A 803 17.05 -24.54 -8.53
C PRO A 803 17.28 -26.04 -8.53
N ASN A 804 16.22 -26.83 -8.66
CA ASN A 804 16.35 -28.28 -8.64
C ASN A 804 17.17 -28.76 -9.84
N THR A 805 17.99 -29.79 -9.60
CA THR A 805 18.89 -30.31 -10.62
C THR A 805 18.54 -31.72 -11.07
N GLU A 806 17.55 -32.37 -10.48
CA GLU A 806 17.25 -33.75 -10.82
C GLU A 806 16.27 -33.84 -11.99
N THR A 807 15.22 -33.04 -11.96
CA THR A 807 14.24 -33.06 -13.04
C THR A 807 14.83 -32.64 -14.39
N PRO A 808 15.95 -31.87 -14.47
CA PRO A 808 16.64 -31.78 -15.76
C PRO A 808 16.96 -33.15 -16.34
N GLN A 809 17.69 -33.96 -15.57
CA GLN A 809 18.03 -35.30 -16.06
C GLN A 809 16.79 -36.15 -16.25
N PHE A 810 15.74 -35.92 -15.46
CA PHE A 810 14.50 -36.65 -15.66
C PHE A 810 13.90 -36.35 -17.03
N LEU A 811 13.83 -35.07 -17.39
CA LEU A 811 13.34 -34.69 -18.71
C LEU A 811 14.25 -35.22 -19.81
N ILE A 812 15.55 -35.26 -19.55
CA ILE A 812 16.48 -35.86 -20.50
C ILE A 812 16.13 -37.32 -20.74
N ALA A 813 15.87 -38.06 -19.65
CA ALA A 813 15.56 -39.48 -19.77
C ALA A 813 14.21 -39.71 -20.43
N LYS A 814 13.24 -38.81 -20.21
CA LYS A 814 11.89 -39.00 -20.71
C LYS A 814 11.69 -38.45 -22.12
N GLY A 815 12.76 -38.34 -22.90
CA GLY A 815 12.64 -37.96 -24.30
C GLY A 815 12.11 -36.56 -24.52
N ALA A 816 12.89 -35.55 -24.14
CA ALA A 816 12.52 -34.16 -24.33
C ALA A 816 13.43 -33.54 -25.39
N ASN A 817 12.84 -32.73 -26.26
CA ASN A 817 13.59 -32.06 -27.32
C ASN A 817 14.55 -31.05 -26.68
N ILE A 818 15.85 -31.35 -26.74
CA ILE A 818 16.84 -30.48 -26.15
C ILE A 818 16.89 -29.14 -26.89
N ASN A 819 16.86 -29.18 -28.21
CA ASN A 819 16.84 -27.95 -29.01
C ASN A 819 15.40 -27.44 -29.05
N ALA A 820 15.08 -26.51 -28.17
CA ALA A 820 13.72 -26.02 -28.02
C ALA A 820 13.61 -24.57 -28.49
N LYS A 821 12.37 -24.14 -28.67
CA LYS A 821 12.05 -22.79 -29.16
C LYS A 821 11.07 -22.17 -28.18
N THR A 822 11.49 -21.09 -27.52
CA THR A 822 10.62 -20.38 -26.58
C THR A 822 9.69 -19.46 -27.36
N ASN A 823 9.03 -18.55 -26.64
CA ASN A 823 8.19 -17.55 -27.29
C ASN A 823 8.99 -16.71 -28.28
N ASP A 824 10.27 -16.48 -27.97
CA ASP A 824 11.19 -15.81 -28.89
C ASP A 824 11.92 -16.79 -29.79
N GLY A 825 11.59 -18.08 -29.70
CA GLY A 825 12.30 -19.10 -30.44
C GLY A 825 13.66 -19.37 -29.82
N SER A 826 13.85 -18.89 -28.59
CA SER A 826 15.14 -19.03 -27.92
C SER A 826 15.40 -20.47 -27.52
N THR A 827 16.65 -20.74 -27.17
CA THR A 827 17.16 -22.03 -26.75
C THR A 827 17.45 -22.02 -25.26
N PRO A 828 17.11 -23.09 -24.54
CA PRO A 828 17.35 -23.11 -23.08
C PRO A 828 18.80 -22.92 -22.69
N LEU A 829 19.75 -22.97 -23.63
CA LEU A 829 21.13 -22.66 -23.30
C LEU A 829 21.28 -21.26 -22.76
N HIS A 830 20.52 -20.31 -23.33
CA HIS A 830 20.53 -18.95 -22.83
C HIS A 830 20.18 -18.91 -21.35
N PHE A 831 19.05 -19.54 -21.00
CA PHE A 831 18.62 -19.57 -19.61
C PHE A 831 19.59 -20.38 -18.75
N ALA A 832 20.07 -21.51 -19.27
CA ALA A 832 20.98 -22.35 -18.51
C ALA A 832 22.25 -21.60 -18.14
N ALA A 833 22.80 -20.85 -19.09
CA ALA A 833 23.96 -20.01 -18.80
C ALA A 833 23.59 -18.86 -17.87
N ALA A 834 22.39 -18.29 -18.04
CA ALA A 834 21.99 -17.15 -17.23
C ALA A 834 21.92 -17.51 -15.76
N LEU A 835 21.33 -18.68 -15.44
CA LEU A 835 21.24 -19.10 -14.05
C LEU A 835 22.62 -19.38 -13.47
N GLY A 836 23.48 -20.05 -14.22
CA GLY A 836 24.83 -20.31 -13.78
C GLY A 836 25.06 -21.71 -13.25
N LYS A 837 24.49 -22.71 -13.93
CA LYS A 837 24.66 -24.11 -13.56
C LYS A 837 25.65 -24.73 -14.55
N THR A 838 26.90 -24.89 -14.11
CA THR A 838 27.94 -25.41 -14.98
C THR A 838 27.67 -26.86 -15.38
N ASN A 839 27.22 -27.69 -14.43
CA ASN A 839 27.06 -29.10 -14.71
C ASN A 839 25.83 -29.39 -15.57
N ILE A 840 24.71 -28.72 -15.30
CA ILE A 840 23.56 -28.85 -16.20
C ILE A 840 23.92 -28.35 -17.59
N PHE A 841 24.68 -27.26 -17.68
CA PHE A 841 25.11 -26.77 -18.99
C PHE A 841 25.98 -27.81 -19.69
N GLN A 842 26.87 -28.46 -18.94
CA GLN A 842 27.71 -29.50 -19.53
C GLN A 842 26.86 -30.66 -20.05
N LEU A 843 25.83 -31.05 -19.29
CA LEU A 843 24.94 -32.10 -19.76
C LEU A 843 24.22 -31.68 -21.03
N LEU A 844 23.71 -30.45 -21.07
CA LEU A 844 23.08 -29.94 -22.28
C LEU A 844 24.02 -30.02 -23.47
N MET A 845 25.28 -29.63 -23.27
CA MET A 845 26.26 -29.73 -24.34
C MET A 845 26.48 -31.18 -24.76
N ASP A 846 26.50 -32.10 -23.79
CA ASP A 846 26.70 -33.50 -24.09
C ASP A 846 25.58 -34.07 -24.96
N LYS A 847 24.34 -33.70 -24.67
CA LYS A 847 23.21 -34.19 -25.45
C LYS A 847 22.88 -33.32 -26.67
N GLY A 848 23.87 -32.62 -27.21
CA GLY A 848 23.73 -32.01 -28.51
C GLY A 848 23.15 -30.61 -28.54
N ALA A 849 23.21 -29.88 -27.43
CA ALA A 849 22.82 -28.47 -27.48
C ALA A 849 23.80 -27.67 -28.31
N ASN A 850 23.30 -26.61 -28.94
CA ASN A 850 24.07 -25.84 -29.92
C ASN A 850 24.22 -24.41 -29.43
N ILE A 851 25.48 -23.98 -29.25
CA ILE A 851 25.77 -22.60 -28.85
C ILE A 851 25.37 -21.63 -29.95
N LYS A 852 25.43 -22.06 -31.21
CA LYS A 852 25.11 -21.19 -32.34
C LYS A 852 23.72 -20.58 -32.25
N ALA A 853 22.87 -21.08 -31.36
CA ALA A 853 21.49 -20.63 -31.29
C ALA A 853 21.42 -19.17 -30.81
N GLU A 854 20.28 -18.54 -31.08
CA GLU A 854 20.06 -17.14 -30.78
C GLU A 854 18.55 -16.91 -30.71
N ASN A 855 18.15 -15.65 -30.63
CA ASN A 855 16.75 -15.26 -30.58
C ASN A 855 16.46 -14.25 -31.69
N LEU A 856 15.28 -13.63 -31.62
CA LEU A 856 14.90 -12.63 -32.63
C LEU A 856 15.85 -11.45 -32.66
N ILE A 857 16.54 -11.17 -31.55
CA ILE A 857 17.52 -10.10 -31.48
C ILE A 857 18.90 -10.72 -31.44
N ASN A 858 19.04 -11.89 -32.06
CA ASN A 858 20.26 -12.69 -32.22
C ASN A 858 21.19 -12.64 -31.01
N GLN A 859 20.63 -12.90 -29.82
CA GLN A 859 21.44 -12.95 -28.61
C GLN A 859 22.27 -14.24 -28.57
N MET A 860 23.55 -14.12 -28.86
CA MET A 860 24.47 -15.22 -28.64
C MET A 860 24.50 -15.57 -27.15
N PRO A 861 24.57 -16.85 -26.79
CA PRO A 861 24.58 -17.21 -25.36
C PRO A 861 25.79 -16.64 -24.62
N ILE A 862 26.82 -16.24 -25.37
CA ILE A 862 27.95 -15.55 -24.75
C ILE A 862 27.51 -14.22 -24.14
N HIS A 863 26.56 -13.52 -24.77
CA HIS A 863 26.08 -12.26 -24.21
C HIS A 863 25.55 -12.48 -22.81
N GLU A 864 24.66 -13.47 -22.66
CA GLU A 864 24.11 -13.79 -21.36
C GLU A 864 25.19 -14.31 -20.41
N ALA A 865 26.09 -15.16 -20.91
CA ALA A 865 27.09 -15.76 -20.04
C ALA A 865 28.04 -14.72 -19.48
N VAL A 866 28.20 -13.59 -20.18
CA VAL A 866 29.08 -12.55 -19.67
C VAL A 866 28.32 -11.49 -18.88
N VAL A 867 27.08 -11.16 -19.27
CA VAL A 867 26.34 -10.15 -18.51
C VAL A 867 25.94 -10.70 -17.15
N ASN A 868 25.58 -11.99 -17.09
CA ASN A 868 25.35 -12.62 -15.79
C ASN A 868 26.65 -12.80 -15.04
N GLY A 869 27.68 -13.33 -15.71
CA GLY A 869 29.02 -13.32 -15.17
C GLY A 869 29.41 -14.60 -14.43
N HIS A 870 30.27 -15.41 -15.06
CA HIS A 870 30.90 -16.51 -14.36
C HIS A 870 32.12 -16.96 -15.17
N LEU A 871 33.05 -17.60 -14.47
CA LEU A 871 34.30 -18.01 -15.11
C LEU A 871 34.11 -19.30 -15.90
N ALA A 872 33.57 -20.34 -15.25
CA ALA A 872 33.63 -21.69 -15.77
C ALA A 872 32.92 -21.80 -17.12
N ILE A 873 31.73 -21.20 -17.22
CA ILE A 873 30.99 -21.28 -18.49
C ILE A 873 31.83 -20.68 -19.61
N VAL A 874 32.46 -19.54 -19.35
CA VAL A 874 33.33 -18.91 -20.33
C VAL A 874 34.47 -19.84 -20.69
N LYS A 875 35.09 -20.47 -19.69
CA LYS A 875 36.20 -21.37 -19.95
C LYS A 875 35.79 -22.50 -20.89
N MET A 876 34.69 -23.19 -20.56
CA MET A 876 34.28 -24.30 -21.41
C MET A 876 33.90 -23.82 -22.81
N LEU A 877 33.18 -22.70 -22.92
CA LEU A 877 32.76 -22.30 -24.27
C LEU A 877 33.95 -21.87 -25.12
N ILE A 878 34.96 -21.22 -24.51
CA ILE A 878 36.19 -20.94 -25.24
C ILE A 878 36.83 -22.25 -25.70
N GLU A 879 37.08 -23.16 -24.75
CA GLU A 879 37.75 -24.42 -25.09
C GLU A 879 36.97 -25.20 -26.13
N GLN A 880 35.66 -24.95 -26.23
CA GLN A 880 34.86 -25.62 -27.25
C GLN A 880 35.04 -24.97 -28.62
N ASP A 881 34.67 -23.70 -28.75
CA ASP A 881 34.59 -23.14 -30.11
C ASP A 881 35.11 -21.70 -30.16
N SER A 882 36.23 -21.42 -29.48
CA SER A 882 36.99 -20.18 -29.67
C SER A 882 36.12 -18.91 -29.63
N SER A 883 34.95 -18.98 -28.99
CA SER A 883 34.01 -17.87 -28.87
C SER A 883 33.52 -17.34 -30.21
N LEU A 884 33.83 -18.01 -31.31
CA LEU A 884 33.49 -17.55 -32.65
C LEU A 884 33.95 -16.11 -32.87
N MET A 885 35.09 -15.75 -32.27
CA MET A 885 35.67 -14.41 -32.38
C MET A 885 34.73 -13.31 -31.90
N ASN A 886 33.74 -13.69 -31.07
CA ASN A 886 32.86 -12.73 -30.39
C ASN A 886 32.15 -11.82 -31.40
N ALA A 887 31.31 -12.47 -32.21
CA ALA A 887 30.64 -11.79 -33.31
C ALA A 887 29.74 -10.66 -32.82
N LYS A 888 29.26 -9.87 -33.77
CA LYS A 888 28.52 -8.65 -33.49
C LYS A 888 27.10 -8.96 -33.04
N ASN A 889 26.55 -8.07 -32.21
CA ASN A 889 25.20 -8.17 -31.70
C ASN A 889 24.28 -7.23 -32.49
N MET A 890 23.04 -7.08 -32.00
CA MET A 890 22.10 -6.12 -32.60
C MET A 890 22.68 -4.72 -32.61
N ARG A 891 22.98 -4.18 -31.44
CA ARG A 891 23.61 -2.88 -31.34
C ARG A 891 25.09 -2.99 -31.71
N ASP A 892 25.77 -1.84 -31.74
CA ASP A 892 27.20 -1.78 -32.01
C ASP A 892 27.93 -2.30 -30.77
N GLU A 893 27.84 -3.61 -30.56
CA GLU A 893 28.37 -4.24 -29.37
C GLU A 893 29.27 -5.41 -29.73
N TYR A 894 30.49 -5.39 -29.19
CA TYR A 894 31.38 -6.53 -29.25
C TYR A 894 31.46 -7.16 -27.88
N PRO A 895 31.09 -8.45 -27.72
CA PRO A 895 30.84 -9.03 -26.38
C PRO A 895 31.81 -8.60 -25.28
N PHE A 896 33.06 -8.33 -25.66
CA PHE A 896 34.01 -7.76 -24.71
C PHE A 896 33.51 -6.42 -24.17
N TYR A 897 32.72 -5.69 -24.95
CA TYR A 897 32.13 -4.44 -24.46
C TYR A 897 31.24 -4.72 -23.25
N LEU A 898 30.30 -5.66 -23.38
CA LEU A 898 29.43 -6.02 -22.27
C LEU A 898 30.24 -6.52 -21.08
N ALA A 899 31.24 -7.37 -21.36
CA ALA A 899 32.13 -7.82 -20.31
C ALA A 899 32.80 -6.64 -19.63
N ALA A 900 33.03 -5.56 -20.37
CA ALA A 900 33.67 -4.38 -19.80
C ALA A 900 32.73 -3.65 -18.84
N GLU A 901 31.55 -3.25 -19.31
CA GLU A 901 30.72 -2.48 -18.37
C GLU A 901 30.21 -3.36 -17.24
N LYS A 902 30.21 -4.68 -17.42
CA LYS A 902 29.94 -5.55 -16.28
C LYS A 902 31.00 -5.39 -15.21
N ARG A 903 32.26 -5.27 -15.62
CA ARG A 903 33.39 -5.06 -14.72
C ARG A 903 33.47 -6.19 -13.69
N TYR A 904 33.75 -7.38 -14.22
CA TYR A 904 34.08 -8.54 -13.40
C TYR A 904 35.56 -8.86 -13.61
N LYS A 905 36.31 -8.91 -12.51
CA LYS A 905 37.77 -8.92 -12.60
C LYS A 905 38.28 -10.17 -13.31
N ASP A 906 37.83 -11.34 -12.86
CA ASP A 906 38.45 -12.59 -13.32
C ASP A 906 38.21 -12.83 -14.80
N VAL A 907 36.97 -12.65 -15.26
CA VAL A 907 36.67 -12.89 -16.67
C VAL A 907 37.38 -11.86 -17.54
N PHE A 908 37.46 -10.62 -17.08
CA PHE A 908 38.18 -9.59 -17.83
C PHE A 908 39.64 -9.96 -17.99
N ASN A 909 40.28 -10.39 -16.90
CA ASN A 909 41.68 -10.79 -16.97
C ASN A 909 41.85 -12.00 -17.87
N TYR A 910 40.94 -12.97 -17.79
CA TYR A 910 41.01 -14.15 -18.65
C TYR A 910 40.93 -13.75 -20.11
N LEU A 911 39.95 -12.91 -20.46
CA LEU A 911 39.76 -12.50 -21.84
C LEU A 911 40.97 -11.74 -22.36
N GLU A 912 41.52 -10.83 -21.54
CA GLU A 912 42.66 -10.05 -22.01
C GLU A 912 43.91 -10.92 -22.13
N SER A 913 44.10 -11.87 -21.20
CA SER A 913 45.28 -12.72 -21.25
C SER A 913 45.24 -13.68 -22.42
N LYS A 914 44.08 -14.26 -22.71
CA LYS A 914 43.95 -15.19 -23.82
C LYS A 914 43.49 -14.51 -25.11
N GLY A 915 43.40 -13.20 -25.14
CA GLY A 915 43.12 -12.50 -26.38
C GLY A 915 41.67 -12.13 -26.56
N ALA A 916 41.36 -10.84 -26.42
CA ALA A 916 40.01 -10.34 -26.61
C ALA A 916 40.03 -8.99 -27.31
N ASP A 917 38.90 -8.30 -27.33
CA ASP A 917 38.86 -6.96 -27.90
C ASP A 917 39.72 -6.02 -27.06
N VAL A 918 40.40 -5.10 -27.73
CA VAL A 918 41.32 -4.17 -27.08
C VAL A 918 41.00 -2.76 -27.57
N ASN A 919 41.51 -1.78 -26.84
CA ASN A 919 41.09 -0.38 -27.02
C ASN A 919 41.30 0.09 -28.46
N GLU A 920 42.46 -0.22 -29.05
CA GLU A 920 42.75 0.33 -30.38
C GLU A 920 42.06 -0.43 -31.50
N LYS A 921 41.39 -1.55 -31.20
CA LYS A 921 40.65 -2.27 -32.24
C LYS A 921 39.29 -1.65 -32.55
N ASN A 922 39.05 -0.41 -32.15
CA ASN A 922 37.79 0.28 -32.39
C ASN A 922 37.89 1.23 -33.59
N ASN A 923 38.63 0.80 -34.62
CA ASN A 923 39.02 1.69 -35.71
C ASN A 923 37.85 2.15 -36.56
N ASP A 924 36.68 1.53 -36.42
CA ASP A 924 35.53 1.91 -37.23
C ASP A 924 35.15 3.37 -37.00
N GLY A 925 35.14 3.78 -35.74
CA GLY A 925 34.97 5.18 -35.39
C GLY A 925 36.12 5.66 -34.52
N ASN A 926 35.79 6.20 -33.35
CA ASN A 926 36.81 6.53 -32.36
C ASN A 926 37.15 5.29 -31.55
N THR A 927 38.10 5.42 -30.62
CA THR A 927 38.52 4.26 -29.85
C THR A 927 37.53 3.98 -28.71
N LEU A 928 37.74 2.84 -28.06
CA LEU A 928 36.83 2.39 -27.01
C LEU A 928 36.77 3.38 -25.86
N LEU A 929 37.93 3.90 -25.44
CA LEU A 929 37.93 4.95 -24.43
C LEU A 929 37.21 6.18 -24.93
N HIS A 930 37.44 6.55 -26.20
CA HIS A 930 36.69 7.63 -26.81
C HIS A 930 35.23 7.28 -27.02
N LEU A 931 34.85 6.00 -26.86
CA LEU A 931 33.49 5.56 -27.09
C LEU A 931 32.64 5.52 -25.82
N PHE A 932 33.21 5.10 -24.69
CA PHE A 932 32.44 5.06 -23.45
C PHE A 932 32.01 6.45 -23.02
N SER A 933 32.91 7.44 -23.11
CA SER A 933 32.58 8.78 -22.63
C SER A 933 31.42 9.41 -23.37
N ILE A 934 31.18 9.01 -24.62
CA ILE A 934 30.02 9.50 -25.36
C ILE A 934 28.74 9.06 -24.64
N ASN A 935 28.69 7.80 -24.21
CA ASN A 935 27.54 7.26 -23.51
C ASN A 935 27.59 7.52 -22.01
N GLY A 936 28.36 8.52 -21.57
CA GLY A 936 28.35 8.93 -20.18
C GLY A 936 28.86 7.89 -19.20
N GLU A 937 29.89 7.14 -19.58
CA GLU A 937 30.47 6.16 -18.67
C GLU A 937 31.26 6.86 -17.57
N VAL A 938 31.19 6.32 -16.36
CA VAL A 938 31.78 6.95 -15.17
C VAL A 938 32.91 6.11 -14.58
N GLU A 939 32.65 4.83 -14.32
CA GLU A 939 33.57 4.02 -13.52
C GLU A 939 34.31 2.95 -14.32
N VAL A 940 33.67 2.39 -15.35
CA VAL A 940 34.31 1.33 -16.13
C VAL A 940 35.56 1.86 -16.82
N VAL A 941 35.51 3.10 -17.30
CA VAL A 941 36.69 3.70 -17.92
C VAL A 941 37.85 3.75 -16.93
N GLN A 942 37.58 4.27 -15.73
CA GLN A 942 38.64 4.36 -14.72
C GLN A 942 39.18 2.99 -14.36
N PHE A 943 38.30 2.00 -14.22
CA PHE A 943 38.72 0.67 -13.83
C PHE A 943 39.50 -0.04 -14.93
N LEU A 944 39.20 0.20 -16.20
CA LEU A 944 40.04 -0.38 -17.24
C LEU A 944 41.35 0.37 -17.39
N ILE A 945 41.38 1.67 -17.10
CA ILE A 945 42.66 2.39 -17.07
C ILE A 945 43.56 1.81 -15.99
N GLN A 946 43.01 1.60 -14.78
CA GLN A 946 43.80 0.93 -13.76
C GLN A 946 44.01 -0.55 -14.06
N ASN A 947 43.29 -1.09 -15.05
CA ASN A 947 43.57 -2.42 -15.58
C ASN A 947 44.62 -2.39 -16.68
N GLY A 948 45.42 -1.34 -16.77
CA GLY A 948 46.53 -1.29 -17.70
C GLY A 948 46.19 -0.85 -19.10
N ALA A 949 44.93 -0.50 -19.38
CA ALA A 949 44.58 -0.03 -20.71
C ALA A 949 45.26 1.31 -21.00
N ASP A 950 45.67 1.48 -22.26
CA ASP A 950 46.41 2.67 -22.64
C ASP A 950 45.50 3.90 -22.63
N PHE A 951 46.12 5.06 -22.65
CA PHE A 951 45.42 6.32 -22.45
C PHE A 951 45.70 7.35 -23.54
N ARG A 952 46.91 7.41 -24.05
CA ARG A 952 47.34 8.50 -24.91
C ARG A 952 46.97 8.32 -26.38
N LEU A 953 46.08 7.38 -26.69
CA LEU A 953 45.67 7.20 -28.07
C LEU A 953 44.90 8.41 -28.57
N ARG A 954 45.09 8.71 -29.85
CA ARG A 954 44.33 9.76 -30.52
C ARG A 954 43.26 9.12 -31.39
N ASN A 955 42.04 9.62 -31.28
CA ASN A 955 40.92 9.03 -32.00
C ASN A 955 41.01 9.32 -33.49
N LYS A 956 40.19 8.60 -34.25
CA LYS A 956 40.09 8.84 -35.69
C LYS A 956 39.64 10.25 -36.02
N GLU A 957 38.93 10.91 -35.11
CA GLU A 957 38.36 12.22 -35.35
C GLU A 957 39.22 13.35 -34.78
N ARG A 958 40.44 13.05 -34.35
CA ARG A 958 41.43 14.02 -33.89
C ARG A 958 41.02 14.71 -32.59
N LYS A 959 39.85 14.37 -32.04
CA LYS A 959 39.22 15.16 -30.99
C LYS A 959 39.44 14.47 -29.66
N SER A 960 39.96 15.21 -28.68
CA SER A 960 40.67 14.63 -27.55
C SER A 960 39.74 13.85 -26.62
N PHE A 961 40.33 12.84 -25.96
CA PHE A 961 39.61 12.08 -24.94
C PHE A 961 39.19 12.98 -23.78
N PHE A 962 40.10 13.85 -23.33
CA PHE A 962 39.73 14.86 -22.35
C PHE A 962 38.59 15.71 -22.89
N ASP A 963 38.69 16.08 -24.18
CA ASP A 963 37.68 16.94 -24.78
C ASP A 963 36.34 16.22 -24.87
N LEU A 964 36.35 14.93 -25.22
CA LEU A 964 35.12 14.16 -25.20
C LEU A 964 34.53 14.07 -23.81
N ALA A 965 35.38 13.88 -22.80
CA ALA A 965 34.89 13.85 -21.42
C ALA A 965 34.24 15.18 -21.06
N VAL A 966 34.83 16.29 -21.50
CA VAL A 966 34.26 17.60 -21.25
C VAL A 966 32.93 17.76 -21.99
N GLU A 967 32.80 17.18 -23.18
CA GLU A 967 31.65 17.46 -24.03
C GLU A 967 30.33 16.97 -23.46
N PHE A 968 30.34 16.05 -22.51
CA PHE A 968 29.09 15.50 -22.00
C PHE A 968 29.07 15.50 -20.47
N GLY A 969 29.70 16.50 -19.86
CA GLY A 969 29.67 16.62 -18.42
C GLY A 969 30.45 15.56 -17.67
N HIS A 970 31.62 15.19 -18.18
CA HIS A 970 32.44 14.15 -17.56
C HIS A 970 33.88 14.59 -17.40
N ALA A 971 34.10 15.86 -17.08
CA ALA A 971 35.44 16.34 -16.76
C ALA A 971 35.97 15.74 -15.46
N GLY A 972 35.11 15.08 -14.69
CA GLY A 972 35.60 14.36 -13.53
C GLY A 972 36.63 13.32 -13.89
N ILE A 973 36.43 12.65 -15.03
CA ILE A 973 37.43 11.70 -15.52
C ILE A 973 38.73 12.40 -15.87
N VAL A 974 38.65 13.62 -16.41
CA VAL A 974 39.86 14.41 -16.63
C VAL A 974 40.55 14.68 -15.30
N GLY A 975 39.76 15.00 -14.27
CA GLY A 975 40.35 15.22 -12.95
C GLY A 975 41.06 13.99 -12.41
N TYR A 976 40.41 12.82 -12.50
CA TYR A 976 41.06 11.59 -12.06
C TYR A 976 42.27 11.25 -12.92
N ALA A 977 42.28 11.69 -14.18
CA ALA A 977 43.51 11.57 -14.96
C ALA A 977 44.61 12.46 -14.38
N ILE A 978 44.25 13.66 -13.90
CA ILE A 978 45.23 14.53 -13.28
C ILE A 978 45.80 13.90 -12.01
N GLU A 979 44.93 13.33 -11.16
CA GLU A 979 45.45 12.66 -9.98
C GLU A 979 46.23 11.40 -10.37
N GLU A 980 45.81 10.74 -11.44
CA GLU A 980 46.61 9.67 -12.03
C GLU A 980 47.85 10.21 -12.72
N ASN A 981 47.92 11.54 -12.89
CA ASN A 981 49.05 12.21 -13.55
C ASN A 981 49.24 11.69 -14.97
N LYS A 982 48.13 11.50 -15.68
CA LYS A 982 48.20 11.21 -17.10
C LYS A 982 48.86 12.36 -17.84
N VAL A 983 48.17 13.51 -17.90
CA VAL A 983 48.74 14.77 -18.36
C VAL A 983 47.76 15.88 -18.00
N ASP A 984 48.28 17.05 -17.63
CA ASP A 984 47.47 18.25 -17.52
C ASP A 984 47.61 19.03 -18.82
N LEU A 985 46.53 19.05 -19.60
CA LEU A 985 46.61 19.42 -21.02
C LEU A 985 46.78 20.94 -21.18
N GLN A 986 47.87 21.43 -20.61
CA GLN A 986 48.28 22.82 -20.81
C GLN A 986 49.32 22.96 -21.90
N GLU A 987 49.96 21.87 -22.30
CA GLU A 987 50.96 21.87 -23.34
C GLU A 987 50.33 22.17 -24.70
N PRO A 988 51.07 22.78 -25.62
CA PRO A 988 50.45 23.24 -26.87
C PRO A 988 50.07 22.12 -27.81
N TYR A 989 48.77 21.85 -27.91
CA TYR A 989 48.21 20.97 -28.92
C TYR A 989 47.56 21.86 -29.97
N ARG A 990 48.13 21.87 -31.18
CA ARG A 990 47.79 22.82 -32.24
C ARG A 990 47.59 24.23 -31.69
N GLY A 991 48.40 24.61 -30.71
CA GLY A 991 48.30 25.90 -30.07
C GLY A 991 47.31 25.98 -28.93
N LYS A 992 46.69 24.88 -28.54
CA LYS A 992 45.66 24.89 -27.51
C LYS A 992 46.23 24.46 -26.17
N THR A 993 45.83 25.17 -25.12
CA THR A 993 46.18 24.86 -23.74
C THR A 993 44.90 24.64 -22.94
N ILE A 994 45.06 24.46 -21.62
CA ILE A 994 43.92 24.15 -20.75
C ILE A 994 42.83 25.19 -20.92
N LEU A 995 43.20 26.46 -21.03
CA LEU A 995 42.20 27.50 -21.24
C LEU A 995 41.57 27.38 -22.63
N TYR A 996 42.38 27.13 -23.67
CA TYR A 996 41.83 26.89 -25.00
C TYR A 996 41.05 25.59 -25.11
N HIS A 997 41.18 24.68 -24.17
CA HIS A 997 40.32 23.51 -24.14
C HIS A 997 39.06 23.72 -23.31
N ALA A 998 39.10 24.64 -22.34
CA ALA A 998 37.91 25.01 -21.60
C ALA A 998 36.99 25.93 -22.42
N ILE A 999 37.55 26.74 -23.32
CA ILE A 999 36.73 27.64 -24.11
C ILE A 999 35.94 26.88 -25.17
N CYS A 1000 36.64 26.14 -26.03
CA CYS A 1000 36.03 25.63 -27.26
C CYS A 1000 34.88 24.69 -26.98
N ASP A 1001 35.06 23.76 -26.04
CA ASP A 1001 34.01 22.77 -25.79
C ASP A 1001 32.85 23.39 -25.01
N SER A 1002 33.14 24.23 -24.02
CA SER A 1002 32.08 24.91 -23.30
C SER A 1002 31.31 25.88 -24.17
N VAL A 1003 31.86 26.26 -25.32
CA VAL A 1003 31.06 26.97 -26.32
C VAL A 1003 30.28 25.98 -27.17
N LYS A 1004 30.92 24.89 -27.59
CA LYS A 1004 30.24 23.90 -28.41
C LYS A 1004 29.07 23.25 -27.67
N TYR A 1005 29.28 22.90 -26.41
CA TYR A 1005 28.25 22.28 -25.59
C TYR A 1005 28.07 23.10 -24.31
N ASP A 1006 26.92 22.90 -23.66
CA ASP A 1006 26.50 23.71 -22.52
C ASP A 1006 26.73 22.99 -21.20
N ARG A 1007 27.85 22.29 -21.06
CA ARG A 1007 28.11 21.54 -19.84
C ARG A 1007 28.46 22.50 -18.71
N ILE A 1008 27.44 22.86 -17.92
CA ILE A 1008 27.64 23.81 -16.83
C ILE A 1008 28.51 23.22 -15.73
N GLU A 1009 28.30 21.93 -15.42
CA GLU A 1009 29.08 21.30 -14.36
C GLU A 1009 30.55 21.23 -14.71
N VAL A 1010 30.90 21.11 -16.00
CA VAL A 1010 32.30 21.10 -16.38
C VAL A 1010 32.93 22.47 -16.14
N VAL A 1011 32.21 23.55 -16.45
CA VAL A 1011 32.73 24.88 -16.17
C VAL A 1011 32.87 25.08 -14.68
N ARG A 1012 31.91 24.58 -13.89
CA ARG A 1012 32.01 24.67 -12.44
C ARG A 1012 33.16 23.83 -11.88
N TYR A 1013 33.50 22.72 -12.53
CA TYR A 1013 34.68 21.95 -12.12
C TYR A 1013 35.96 22.68 -12.51
N PHE A 1014 35.96 23.34 -13.68
CA PHE A 1014 37.10 24.15 -14.07
C PHE A 1014 37.37 25.25 -13.06
N VAL A 1015 36.31 25.94 -12.61
CA VAL A 1015 36.49 26.97 -11.60
C VAL A 1015 36.71 26.38 -10.21
N GLU A 1016 36.34 25.11 -10.00
CA GLU A 1016 36.70 24.44 -8.76
C GLU A 1016 38.22 24.26 -8.66
N THR A 1017 38.84 23.77 -9.74
CA THR A 1017 40.30 23.83 -9.88
C THR A 1017 40.66 25.29 -10.19
N LEU A 1018 40.69 26.09 -9.13
CA LEU A 1018 40.54 27.54 -9.25
C LEU A 1018 41.56 28.15 -10.20
N ASN A 1019 41.06 28.66 -11.33
CA ASN A 1019 41.84 29.39 -12.31
C ASN A 1019 40.91 29.91 -13.40
N GLU A 1020 41.21 31.07 -13.97
CA GLU A 1020 40.45 31.61 -15.08
C GLU A 1020 41.31 32.03 -16.26
N ASP A 1021 42.57 32.37 -16.03
CA ASP A 1021 43.50 32.77 -17.09
C ASP A 1021 42.98 33.96 -17.87
N GLN A 1022 42.34 34.89 -17.16
CA GLN A 1022 41.76 36.11 -17.73
C GLN A 1022 40.71 35.82 -18.79
N CYS A 1023 40.20 34.59 -18.83
CA CYS A 1023 39.15 34.25 -19.78
C CYS A 1023 37.82 34.88 -19.36
N SER A 1024 37.03 35.27 -20.35
CA SER A 1024 35.71 35.82 -20.09
C SER A 1024 34.68 35.04 -20.90
N PRO A 1025 34.34 33.83 -20.49
CA PRO A 1025 33.49 32.97 -21.34
C PRO A 1025 32.14 33.57 -21.67
N LEU A 1026 31.73 34.62 -20.95
CA LEU A 1026 30.50 35.32 -21.30
C LEU A 1026 30.56 35.85 -22.72
N GLN A 1027 31.69 36.45 -23.10
CA GLN A 1027 31.80 37.02 -24.44
C GLN A 1027 31.89 35.93 -25.50
N GLU A 1028 32.50 34.78 -25.15
CA GLU A 1028 32.51 33.66 -26.08
C GLU A 1028 31.10 33.14 -26.33
N ALA A 1029 30.30 33.03 -25.26
CA ALA A 1029 28.91 32.61 -25.42
C ALA A 1029 28.13 33.64 -26.23
N ALA A 1030 28.36 34.92 -25.96
CA ALA A 1030 27.68 35.99 -26.68
C ALA A 1030 28.12 36.09 -28.12
N ALA A 1031 29.29 35.53 -28.47
CA ALA A 1031 29.67 35.45 -29.88
C ALA A 1031 28.64 34.64 -30.66
N TYR A 1032 28.01 33.67 -30.01
CA TYR A 1032 26.87 32.95 -30.55
C TYR A 1032 25.60 33.26 -29.75
N ALA A 1033 25.68 34.19 -28.81
CA ALA A 1033 24.52 34.70 -28.06
C ALA A 1033 23.78 33.58 -27.34
N HIS A 1034 24.48 32.95 -26.41
CA HIS A 1034 23.91 31.87 -25.60
C HIS A 1034 23.67 32.42 -24.19
N LEU A 1035 22.38 32.58 -23.84
CA LEU A 1035 22.02 33.32 -22.64
C LEU A 1035 22.36 32.56 -21.36
N ASP A 1036 22.29 31.22 -21.39
CA ASP A 1036 22.54 30.45 -20.18
C ASP A 1036 23.94 30.71 -19.65
N LEU A 1037 24.94 30.64 -20.52
CA LEU A 1037 26.32 30.84 -20.09
C LEU A 1037 26.60 32.27 -19.66
N VAL A 1038 26.03 33.27 -20.33
CA VAL A 1038 26.28 34.65 -19.92
C VAL A 1038 25.63 34.93 -18.58
N LYS A 1039 24.42 34.42 -18.36
CA LYS A 1039 23.78 34.58 -17.06
C LYS A 1039 24.57 33.87 -15.97
N TYR A 1040 25.09 32.69 -16.29
CA TYR A 1040 25.87 31.94 -15.31
C TYR A 1040 27.16 32.66 -14.97
N PHE A 1041 27.83 33.24 -15.98
CA PHE A 1041 29.03 34.02 -15.72
C PHE A 1041 28.72 35.24 -14.86
N VAL A 1042 27.58 35.89 -15.12
CA VAL A 1042 27.19 37.02 -14.29
C VAL A 1042 26.98 36.57 -12.84
N GLN A 1043 26.31 35.43 -12.63
CA GLN A 1043 26.01 35.00 -11.27
C GLN A 1043 27.23 34.45 -10.55
N GLU A 1044 28.25 33.98 -11.27
CA GLU A 1044 29.45 33.45 -10.61
C GLU A 1044 30.62 34.42 -10.60
N ARG A 1045 30.52 35.56 -11.27
CA ARG A 1045 31.54 36.60 -11.22
C ARG A 1045 31.04 37.91 -10.66
N GLY A 1046 29.88 38.38 -11.13
CA GLY A 1046 29.33 39.65 -10.70
C GLY A 1046 29.71 40.83 -11.58
N ILE A 1047 30.70 40.66 -12.46
CA ILE A 1047 31.06 41.74 -13.37
C ILE A 1047 30.00 41.89 -14.45
N ASN A 1048 29.80 43.13 -14.89
CA ASN A 1048 28.83 43.39 -15.94
C ASN A 1048 29.25 42.69 -17.23
N PRO A 1049 28.28 42.21 -18.02
CA PRO A 1049 28.61 41.55 -19.28
C PRO A 1049 29.36 42.44 -20.28
N THR A 1050 29.46 43.73 -19.97
CA THR A 1050 30.28 44.67 -20.76
C THR A 1050 31.06 45.54 -19.77
N ALA A 1051 32.31 45.16 -19.53
CA ALA A 1051 33.16 45.89 -18.60
C ALA A 1051 34.04 46.93 -19.28
N PHE A 1052 34.47 46.67 -20.51
CA PHE A 1052 35.33 47.56 -21.27
C PHE A 1052 34.53 48.26 -22.36
N ASN A 1053 35.14 49.28 -22.95
CA ASN A 1053 34.50 50.08 -23.98
C ASN A 1053 35.45 50.29 -25.14
N ASN A 1054 34.89 50.47 -26.33
CA ASN A 1054 35.65 50.72 -27.55
C ASN A 1054 34.71 51.40 -28.55
N ASP A 1055 35.12 51.44 -29.82
CA ASP A 1055 34.33 52.08 -30.87
C ASP A 1055 33.18 51.17 -31.31
N ASN A 1056 32.27 50.93 -30.37
CA ASN A 1056 31.02 50.19 -30.56
C ASN A 1056 31.21 48.76 -31.06
N GLN A 1057 32.44 48.22 -31.01
CA GLN A 1057 32.69 46.86 -31.48
C GLN A 1057 33.07 45.89 -30.38
N VAL A 1058 33.49 46.38 -29.21
CA VAL A 1058 33.82 45.47 -28.12
C VAL A 1058 32.55 44.89 -27.50
N SER A 1059 31.46 45.64 -27.49
CA SER A 1059 30.25 45.20 -26.83
C SER A 1059 29.59 44.08 -27.64
N PRO A 1060 29.31 42.93 -27.02
CA PRO A 1060 28.60 41.86 -27.77
C PRO A 1060 27.19 42.23 -28.18
N LEU A 1061 26.59 43.25 -27.56
CA LEU A 1061 25.24 43.66 -27.94
C LEU A 1061 25.20 44.14 -29.38
N CYS A 1062 26.09 45.08 -29.73
CA CYS A 1062 26.15 45.59 -31.08
C CYS A 1062 26.51 44.49 -32.07
N ILE A 1063 27.45 43.63 -31.69
CA ILE A 1063 27.84 42.50 -32.54
C ILE A 1063 26.63 41.63 -32.86
N ALA A 1064 25.84 41.33 -31.84
CA ALA A 1064 24.69 40.46 -32.03
C ALA A 1064 23.58 41.14 -32.84
N ILE A 1065 23.38 42.44 -32.63
CA ILE A 1065 22.21 43.09 -33.23
C ILE A 1065 22.49 43.54 -34.66
N VAL A 1066 23.60 44.23 -34.90
CA VAL A 1066 23.82 44.78 -36.24
C VAL A 1066 24.17 43.67 -37.23
N GLY A 1067 24.96 42.68 -36.82
CA GLY A 1067 25.33 41.56 -37.67
C GLY A 1067 25.75 41.96 -39.07
N ALA A 1068 26.88 42.65 -39.20
CA ALA A 1068 27.25 43.20 -40.51
C ALA A 1068 27.70 42.13 -41.49
N PRO A 1069 28.80 41.38 -41.26
CA PRO A 1069 29.36 40.58 -42.36
C PRO A 1069 28.73 39.20 -42.52
N CYS A 1070 27.41 39.12 -42.40
CA CYS A 1070 26.63 37.93 -42.77
C CYS A 1070 27.18 36.65 -42.15
N GLY A 1071 27.97 36.77 -41.07
CA GLY A 1071 28.63 35.61 -40.51
C GLY A 1071 27.68 34.67 -39.79
N PHE A 1072 27.13 35.13 -38.67
CA PHE A 1072 26.09 34.40 -37.94
C PHE A 1072 24.81 35.22 -37.90
N VAL A 1073 24.45 35.81 -39.04
CA VAL A 1073 23.42 36.82 -39.12
C VAL A 1073 22.11 36.26 -39.67
N LYS A 1074 22.19 35.44 -40.72
CA LYS A 1074 20.98 34.92 -41.36
C LYS A 1074 20.22 33.96 -40.47
N SER A 1075 20.85 33.40 -39.44
CA SER A 1075 20.20 32.48 -38.52
C SER A 1075 19.92 33.13 -37.16
N CYS A 1076 19.77 34.46 -37.16
CA CYS A 1076 19.47 35.18 -35.92
C CYS A 1076 18.02 35.02 -35.49
N ASP A 1077 17.20 34.31 -36.26
CA ASP A 1077 15.79 34.13 -35.91
C ASP A 1077 15.64 33.40 -34.58
N THR A 1078 16.67 32.70 -34.14
CA THR A 1078 16.63 32.03 -32.85
C THR A 1078 16.49 33.06 -31.74
N PRO A 1079 15.59 32.86 -30.77
CA PRO A 1079 15.38 33.88 -29.73
C PRO A 1079 16.61 34.15 -28.88
N GLU A 1080 17.60 33.26 -28.88
CA GLU A 1080 18.82 33.50 -28.11
C GLU A 1080 19.54 34.75 -28.61
N ARG A 1081 19.36 35.09 -29.89
CA ARG A 1081 19.98 36.28 -30.45
C ARG A 1081 19.42 37.57 -29.86
N LEU A 1082 18.22 37.53 -29.29
CA LEU A 1082 17.65 38.68 -28.61
C LEU A 1082 17.52 38.47 -27.10
N ASP A 1083 17.85 37.28 -26.60
CA ASP A 1083 17.80 37.03 -25.16
C ASP A 1083 18.80 37.91 -24.42
N VAL A 1084 20.09 37.74 -24.72
CA VAL A 1084 21.14 38.48 -24.04
C VAL A 1084 21.01 39.98 -24.28
N VAL A 1085 20.28 40.38 -25.33
CA VAL A 1085 20.06 41.79 -25.61
C VAL A 1085 19.46 42.47 -24.40
N GLU A 1086 18.45 41.84 -23.78
CA GLU A 1086 17.81 42.45 -22.63
C GLU A 1086 18.68 42.38 -21.38
N TYR A 1087 19.36 41.25 -21.15
CA TYR A 1087 20.24 41.15 -19.98
C TYR A 1087 21.46 42.04 -20.09
N LEU A 1088 21.70 42.63 -21.26
CA LEU A 1088 22.71 43.67 -21.41
C LEU A 1088 22.14 45.09 -21.44
N VAL A 1089 20.92 45.27 -21.95
CA VAL A 1089 20.29 46.59 -21.93
C VAL A 1089 19.94 47.00 -20.51
N ASP A 1090 19.51 46.04 -19.69
CA ASP A 1090 19.12 46.36 -18.32
C ASP A 1090 20.26 46.98 -17.53
N LYS A 1091 21.50 46.70 -17.91
CA LYS A 1091 22.65 47.27 -17.23
C LYS A 1091 23.40 48.24 -18.16
#